data_7S1R
#
_entry.id   7S1R
#
_cell.length_a   103.567
_cell.length_b   138.372
_cell.length_c   178.795
_cell.angle_alpha   90.000
_cell.angle_beta   90.000
_cell.angle_gamma   90.000
#
_symmetry.space_group_name_H-M   'I 2 2 2'
#
loop_
_entity.id
_entity.type
_entity.pdbx_description
1 polymer 'Protein arginine N-methyltransferase 5'
2 polymer 'Methylosome protein 50'
3 non-polymer "5'-DEOXY-5'-METHYLTHIOADENOSINE"
4 non-polymer {7-[(5M)-5-(1-cyano-3-fluoronaphthalen-2-yl)-1-methyl-1H-pyrazol-4-yl]-4-oxo-3,4-dihydrophthalazin-1-yl}methanaminium
5 water water
#
loop_
_entity_poly.entity_id
_entity_poly.type
_entity_poly.pdbx_seq_one_letter_code
_entity_poly.pdbx_strand_id
1 'polypeptide(L)'
;MDYKDDDDKAAMAVGGAGGSRVSSGRDLNCVPEIADTLGAVAKQGFDFLCMPVFHPRFKREFIQEPAKNRPGPQTRSDLL
LSGRDWNTLIVGKLSPWIRPDSKVEKIRRNSEAAMLQELNFGAYLGLPAFLLPLNQEDNTNLARVLTNHIHTGHHSSMFW
MRVPLVAPEDLRDDIIENAPTTHTEEYSGEEKTWMWWHNFRTLCDYSKRIAVALEIGADLPSNHVIDRWLGEPIKAAILP
TSIFLTNKKGFPVLSKMHQRLIFRLLKLEVQFIITGTNHHSEKEFCSYLQYLEYLSQNRPPPNAYELFAKGYEDYLQSPL
QPLMDNLESQTYEVFEKDPIKYSQYQQAIYKCLLDRVPEEEKDTNVQVLMVLGAGRGPLVNASLRAAKQADRRIKLYAVE
KNPNAVVTLENWQFEEWGSQVTVVSSDMREWVAPEKADIIVSELLGSFADNELSPECLDGAQHFLKDDGVSIPGEYTSFL
APISSSKLYNEVRACREKDRDPEAQFEMPYVVRLHNFHQLSAPQPCFTFSHPNRDPMIDNNRYCTLEFPVEVNTVLHGFA
GYFETVLYQDITLSIRPETHSPGMFSWFPILFPIKQPITVREGQTICVRFWRCSNSKKVWYEWAVTAPVCSAIHNPTGRS
YTIGL
;
A
2 'polypeptide(L)'
;MHHHHHHHHRKETPPPLVPPAAREWNLPPNAPACMERQLEAARYRSDGALLLGASSLSGRCWAGSLWLFKDPCAAPNEGF
CSAGVQTEAGVADLTWVGERGILVASDSGAVELWELDENETLIVSKFCKYEHDDIVSTVSVLSSGTQAVSGSKDICIKVW
DLAQQVVLSSYRAHAAQVTCVAASPHKDSVFLSCSEDNRILLWDTRCPKPASQIGCSAPGYLPTSLAWHPQQSEVFVFGD
ENGTVSLVDTKSTSCVLSSAVHSQCVTGLVFSPHSVPFLASLSEDCSLAVLDSSLSELFRSQAHRDFVRDATWSPLNHSL
LTTVGWDHQVVHHVVPTEPLPAPGPASVTE
;
B
#
loop_
_chem_comp.id
_chem_comp.type
_chem_comp.name
_chem_comp.formula
85E non-polymer {7-[(5M)-5-(1-cyano-3-fluoronaphthalen-2-yl)-1-methyl-1H-pyrazol-4-yl]-4-oxo-3,4-dihydrophthalazin-1-yl}methanaminium 'C24 H18 F N6 O 1'
MTA non-polymer 5'-DEOXY-5'-METHYLTHIOADENOSINE 'C11 H15 N5 O3 S'
#
# COMPACT_ATOMS: atom_id res chain seq x y z
N ARG A 21 -10.37 -6.10 16.91
CA ARG A 21 -9.93 -7.11 15.94
C ARG A 21 -9.27 -6.47 14.71
N VAL A 22 -7.99 -6.16 14.85
CA VAL A 22 -7.16 -5.72 13.73
C VAL A 22 -6.50 -6.95 13.13
N SER A 23 -6.51 -7.06 11.81
CA SER A 23 -5.80 -8.15 11.13
C SER A 23 -4.38 -7.68 10.80
N SER A 24 -3.38 -8.39 11.31
CA SER A 24 -2.02 -7.88 11.33
C SER A 24 -1.03 -8.94 10.88
N GLY A 25 0.07 -8.48 10.26
CA GLY A 25 1.11 -9.37 9.80
C GLY A 25 2.49 -8.88 10.19
N ARG A 26 3.42 -9.82 10.29
CA ARG A 26 4.82 -9.52 10.60
C ARG A 26 5.64 -9.58 9.31
N ASP A 27 6.48 -8.57 9.10
CA ASP A 27 7.38 -8.52 7.96
C ASP A 27 8.77 -8.91 8.44
N LEU A 28 9.35 -9.95 7.83
CA LEU A 28 10.72 -10.37 8.14
C LEU A 28 11.54 -10.40 6.86
N ASN A 29 12.85 -10.16 7.00
CA ASN A 29 13.77 -10.45 5.92
C ASN A 29 14.75 -11.57 6.28
N CYS A 30 14.50 -12.27 7.38
CA CYS A 30 15.43 -13.30 7.86
C CYS A 30 14.61 -14.40 8.51
N VAL A 31 14.61 -15.57 7.88
CA VAL A 31 13.83 -16.70 8.38
C VAL A 31 14.74 -17.92 8.36
N PRO A 32 15.46 -18.20 9.45
CA PRO A 32 16.35 -19.36 9.48
C PRO A 32 15.61 -20.68 9.30
N GLU A 33 14.45 -20.84 9.92
CA GLU A 33 13.62 -22.03 9.75
C GLU A 33 12.16 -21.62 9.72
N ILE A 34 11.42 -22.04 8.68
CA ILE A 34 10.04 -21.57 8.48
C ILE A 34 9.18 -21.95 9.67
N ALA A 35 9.15 -23.23 10.01
CA ALA A 35 8.26 -23.72 11.06
C ALA A 35 8.46 -22.96 12.37
N ASP A 36 9.72 -22.81 12.81
CA ASP A 36 9.99 -22.09 14.05
C ASP A 36 9.59 -20.62 13.95
N THR A 37 9.86 -19.99 12.81
CA THR A 37 9.49 -18.59 12.65
C THR A 37 7.98 -18.42 12.68
N LEU A 38 7.27 -19.27 11.92
CA LEU A 38 5.82 -19.14 11.89
C LEU A 38 5.22 -19.32 13.27
N GLY A 39 5.74 -20.28 14.04
CA GLY A 39 5.24 -20.46 15.39
C GLY A 39 5.46 -19.22 16.24
N ALA A 40 6.68 -18.69 16.24
CA ALA A 40 6.96 -17.50 17.02
C ALA A 40 6.03 -16.35 16.64
N VAL A 41 5.82 -16.15 15.33
CA VAL A 41 4.97 -15.06 14.86
C VAL A 41 3.54 -15.26 15.33
N ALA A 42 3.03 -16.49 15.21
CA ALA A 42 1.66 -16.75 15.64
C ALA A 42 1.51 -16.53 17.13
N LYS A 43 2.46 -17.04 17.92
CA LYS A 43 2.38 -16.90 19.36
C LYS A 43 2.34 -15.44 19.77
N GLN A 44 3.04 -14.57 19.03
CA GLN A 44 3.04 -13.15 19.32
C GLN A 44 1.73 -12.47 18.93
N GLY A 45 0.86 -13.14 18.17
CA GLY A 45 -0.46 -12.65 17.87
C GLY A 45 -0.71 -12.29 16.43
N PHE A 46 0.28 -12.40 15.54
CA PHE A 46 0.07 -12.04 14.15
C PHE A 46 -0.81 -13.07 13.43
N ASP A 47 -1.51 -12.58 12.38
CA ASP A 47 -2.35 -13.40 11.51
C ASP A 47 -1.59 -13.92 10.30
N PHE A 48 -0.55 -13.21 9.86
CA PHE A 48 0.24 -13.69 8.73
C PHE A 48 1.67 -13.17 8.82
N LEU A 49 2.49 -13.60 7.86
CA LEU A 49 3.93 -13.37 7.86
C LEU A 49 4.36 -13.09 6.43
N CYS A 50 4.92 -11.90 6.19
CA CYS A 50 5.56 -11.61 4.90
C CYS A 50 7.03 -12.01 5.01
N MET A 51 7.52 -12.83 4.07
CA MET A 51 8.88 -13.36 4.17
C MET A 51 9.42 -13.64 2.77
N PRO A 52 10.74 -13.81 2.64
CA PRO A 52 11.27 -14.21 1.32
C PRO A 52 10.99 -15.68 1.03
N VAL A 53 10.73 -15.99 -0.24
CA VAL A 53 10.57 -17.38 -0.64
C VAL A 53 11.85 -17.94 -1.24
N PHE A 54 12.83 -17.08 -1.52
CA PHE A 54 14.22 -17.41 -1.74
C PHE A 54 15.04 -16.57 -0.78
N HIS A 55 16.24 -17.05 -0.45
CA HIS A 55 17.08 -16.30 0.46
C HIS A 55 17.40 -14.92 -0.13
N PRO A 56 17.18 -13.83 0.61
CA PRO A 56 17.31 -12.48 0.00
C PRO A 56 18.70 -12.15 -0.52
N ARG A 57 19.77 -12.75 -0.01
CA ARG A 57 21.11 -12.54 -0.55
C ARG A 57 21.50 -13.58 -1.60
N PHE A 58 20.66 -14.56 -1.88
CA PHE A 58 21.00 -15.64 -2.82
C PHE A 58 20.80 -15.19 -4.26
N LYS A 59 21.67 -14.26 -4.69
CA LYS A 59 21.68 -13.84 -6.10
C LYS A 59 21.95 -15.03 -7.01
N ARG A 60 21.19 -15.11 -8.11
CA ARG A 60 21.24 -16.22 -9.04
C ARG A 60 21.51 -15.71 -10.46
N GLU A 61 22.24 -16.51 -11.22
CA GLU A 61 22.63 -16.18 -12.59
C GLU A 61 21.90 -17.09 -13.56
N PHE A 62 21.42 -16.53 -14.68
CA PHE A 62 20.62 -17.29 -15.62
C PHE A 62 21.27 -17.44 -17.00
N ILE A 63 22.35 -16.72 -17.29
CA ILE A 63 22.89 -16.61 -18.63
C ILE A 63 24.35 -17.03 -18.71
N GLN A 64 25.19 -16.59 -17.76
CA GLN A 64 26.64 -16.71 -17.91
C GLN A 64 27.15 -17.92 -17.15
N GLU A 65 27.89 -18.79 -17.83
CA GLU A 65 28.59 -19.84 -17.10
C GLU A 65 29.81 -19.24 -16.39
N PRO A 66 30.26 -19.85 -15.27
CA PRO A 66 29.75 -21.09 -14.69
C PRO A 66 28.59 -20.91 -13.71
N ALA A 67 28.39 -19.68 -13.22
CA ALA A 67 27.44 -19.47 -12.14
C ALA A 67 26.02 -19.92 -12.51
N LYS A 68 25.64 -19.84 -13.78
CA LYS A 68 24.27 -20.25 -14.11
C LYS A 68 24.01 -21.71 -13.78
N ASN A 69 25.07 -22.53 -13.68
CA ASN A 69 24.91 -23.96 -13.40
C ASN A 69 25.04 -24.30 -11.93
N ARG A 70 24.89 -23.33 -11.05
CA ARG A 70 24.97 -23.58 -9.61
C ARG A 70 24.07 -24.76 -9.23
N PRO A 71 24.60 -25.84 -8.65
CA PRO A 71 23.73 -26.93 -8.20
C PRO A 71 22.64 -26.42 -7.27
N GLY A 72 21.46 -27.05 -7.38
CA GLY A 72 20.32 -26.72 -6.54
C GLY A 72 20.46 -27.43 -5.22
N PRO A 73 19.41 -27.41 -4.39
CA PRO A 73 18.09 -26.80 -4.61
C PRO A 73 18.12 -25.27 -4.67
N GLN A 74 17.31 -24.62 -5.53
CA GLN A 74 17.36 -23.17 -5.58
C GLN A 74 16.70 -22.51 -4.37
N THR A 75 15.81 -23.19 -3.66
CA THR A 75 15.32 -22.65 -2.39
C THR A 75 14.79 -23.80 -1.53
N ARG A 76 14.10 -23.41 -0.48
CA ARG A 76 13.41 -24.20 0.52
C ARG A 76 12.24 -24.98 -0.10
N SER A 77 11.89 -26.10 0.51
CA SER A 77 10.89 -27.00 -0.06
C SER A 77 9.44 -26.56 0.25
N ASP A 78 8.54 -26.75 -0.70
CA ASP A 78 7.12 -26.53 -0.45
C ASP A 78 6.54 -27.52 0.56
N LEU A 79 7.24 -28.62 0.84
CA LEU A 79 6.71 -29.57 1.81
C LEU A 79 6.83 -29.09 3.26
N LEU A 80 7.51 -27.96 3.51
CA LEU A 80 7.72 -27.47 4.86
C LEU A 80 6.47 -26.85 5.48
N LEU A 81 5.47 -26.53 4.68
CA LEU A 81 4.18 -26.07 5.16
C LEU A 81 3.07 -26.83 4.44
N SER A 82 1.91 -26.90 5.10
CA SER A 82 0.71 -27.45 4.48
C SER A 82 0.16 -26.48 3.43
N GLY A 83 -0.59 -27.04 2.48
CA GLY A 83 -1.20 -26.19 1.47
C GLY A 83 -2.02 -25.08 2.08
N ARG A 84 -2.80 -25.39 3.11
CA ARG A 84 -3.58 -24.37 3.79
C ARG A 84 -2.68 -23.26 4.32
N ASP A 85 -1.47 -23.60 4.79
CA ASP A 85 -0.61 -22.59 5.38
C ASP A 85 0.01 -21.69 4.30
N TRP A 86 0.54 -22.28 3.23
CA TRP A 86 0.95 -21.45 2.11
C TRP A 86 -0.20 -20.55 1.67
N ASN A 87 -1.43 -21.11 1.61
CA ASN A 87 -2.54 -20.35 1.04
C ASN A 87 -3.00 -19.20 1.93
N THR A 88 -2.80 -19.28 3.25
CA THR A 88 -3.43 -18.32 4.14
C THR A 88 -2.46 -17.55 5.04
N LEU A 89 -1.29 -18.08 5.33
CA LEU A 89 -0.42 -17.46 6.30
C LEU A 89 0.78 -16.72 5.70
N ILE A 90 1.11 -16.94 4.43
CA ILE A 90 2.39 -16.50 3.90
C ILE A 90 2.17 -15.47 2.81
N VAL A 91 2.84 -14.32 2.95
CA VAL A 91 2.95 -13.34 1.88
C VAL A 91 4.39 -13.37 1.39
N GLY A 92 4.57 -13.55 0.09
CA GLY A 92 5.91 -13.61 -0.46
C GLY A 92 6.50 -12.24 -0.75
N LYS A 93 7.83 -12.17 -0.75
CA LYS A 93 8.59 -10.93 -0.98
C LYS A 93 9.57 -11.12 -2.13
N LEU A 94 9.50 -10.21 -3.10
CA LEU A 94 10.50 -10.17 -4.15
C LEU A 94 11.90 -9.87 -3.57
N SER A 95 12.91 -10.68 -3.95
CA SER A 95 14.26 -10.48 -3.45
C SER A 95 14.75 -9.06 -3.74
N PRO A 96 15.47 -8.42 -2.78
CA PRO A 96 15.86 -7.00 -2.96
C PRO A 96 16.92 -6.78 -4.04
N TRP A 97 17.64 -7.81 -4.49
CA TRP A 97 18.62 -7.62 -5.56
C TRP A 97 17.99 -7.60 -6.94
N ILE A 98 16.71 -7.89 -7.05
CA ILE A 98 16.08 -7.99 -8.35
C ILE A 98 15.75 -6.58 -8.83
N ARG A 99 16.39 -6.16 -9.91
CA ARG A 99 16.31 -4.77 -10.38
C ARG A 99 16.07 -4.80 -11.88
N PRO A 100 14.81 -4.95 -12.28
CA PRO A 100 14.48 -5.05 -13.71
C PRO A 100 14.69 -3.75 -14.47
N ASP A 101 14.78 -2.62 -13.77
CA ASP A 101 15.02 -1.36 -14.45
C ASP A 101 16.45 -0.84 -14.22
N SER A 102 17.36 -1.71 -13.76
CA SER A 102 18.76 -1.32 -13.68
C SER A 102 19.23 -0.72 -15.01
N LYS A 103 20.20 0.17 -14.94
CA LYS A 103 20.86 0.68 -16.14
C LYS A 103 21.85 -0.31 -16.75
N VAL A 104 22.17 -1.39 -16.05
CA VAL A 104 23.10 -2.40 -16.56
C VAL A 104 22.29 -3.49 -17.26
N GLU A 105 22.52 -3.67 -18.57
CA GLU A 105 21.69 -4.59 -19.35
C GLU A 105 21.69 -5.99 -18.74
N LYS A 106 22.87 -6.53 -18.43
CA LYS A 106 22.95 -7.86 -17.84
C LYS A 106 22.11 -7.94 -16.57
N ILE A 107 22.12 -6.89 -15.76
CA ILE A 107 21.36 -6.96 -14.53
C ILE A 107 19.87 -6.94 -14.83
N ARG A 108 19.45 -6.17 -15.85
CA ARG A 108 18.05 -6.19 -16.24
C ARG A 108 17.62 -7.58 -16.69
N ARG A 109 18.48 -8.31 -17.42
CA ARG A 109 18.08 -9.62 -17.91
C ARG A 109 18.01 -10.63 -16.78
N ASN A 110 19.06 -10.74 -15.98
CA ASN A 110 18.99 -11.62 -14.81
C ASN A 110 17.79 -11.27 -13.94
N SER A 111 17.48 -9.99 -13.83
CA SER A 111 16.41 -9.61 -12.92
C SER A 111 15.06 -10.05 -13.44
N GLU A 112 14.80 -9.86 -14.74
CA GLU A 112 13.56 -10.34 -15.33
C GLU A 112 13.39 -11.85 -15.15
N ALA A 113 14.47 -12.61 -15.42
CA ALA A 113 14.40 -14.06 -15.26
C ALA A 113 14.14 -14.42 -13.81
N ALA A 114 14.82 -13.72 -12.88
CA ALA A 114 14.65 -13.99 -11.45
C ALA A 114 13.30 -13.52 -10.94
N MET A 115 12.77 -12.46 -11.52
CA MET A 115 11.46 -11.99 -11.10
C MET A 115 10.39 -12.99 -11.51
N LEU A 116 10.39 -13.38 -12.79
CA LEU A 116 9.48 -14.45 -13.23
C LEU A 116 9.63 -15.70 -12.37
N GLN A 117 10.88 -16.05 -12.01
CA GLN A 117 11.12 -17.27 -11.24
C GLN A 117 10.44 -17.19 -9.89
N GLU A 118 10.63 -16.09 -9.16
CA GLU A 118 10.07 -15.99 -7.82
C GLU A 118 8.56 -15.83 -7.85
N LEU A 119 8.05 -15.05 -8.82
CA LEU A 119 6.61 -14.90 -8.96
C LEU A 119 5.96 -16.25 -9.26
N ASN A 120 6.58 -17.05 -10.13
CA ASN A 120 6.02 -18.35 -10.49
C ASN A 120 6.08 -19.31 -9.31
N PHE A 121 7.15 -19.26 -8.51
CA PHE A 121 7.16 -20.02 -7.28
C PHE A 121 6.03 -19.61 -6.34
N GLY A 122 5.78 -18.31 -6.22
CA GLY A 122 4.66 -17.85 -5.42
C GLY A 122 3.34 -18.42 -5.91
N ALA A 123 3.09 -18.35 -7.21
CA ALA A 123 1.88 -18.94 -7.76
C ALA A 123 1.91 -20.46 -7.56
N TYR A 124 3.08 -21.07 -7.70
CA TYR A 124 3.24 -22.50 -7.46
C TYR A 124 2.73 -22.86 -6.06
N LEU A 125 3.04 -22.02 -5.10
CA LEU A 125 2.70 -22.24 -3.69
C LEU A 125 1.29 -21.80 -3.35
N GLY A 126 0.61 -21.08 -4.24
CA GLY A 126 -0.71 -20.61 -3.91
C GLY A 126 -0.71 -19.51 -2.87
N LEU A 127 0.38 -18.76 -2.77
CA LEU A 127 0.45 -17.68 -1.81
C LEU A 127 -0.65 -16.67 -2.09
N PRO A 128 -1.25 -16.07 -1.05
CA PRO A 128 -2.39 -15.16 -1.29
C PRO A 128 -1.97 -13.76 -1.68
N ALA A 129 -0.71 -13.38 -1.48
CA ALA A 129 -0.24 -12.11 -1.99
C ALA A 129 1.28 -12.17 -2.06
N PHE A 130 1.85 -11.20 -2.77
CA PHE A 130 3.27 -11.13 -3.06
C PHE A 130 3.67 -9.66 -3.07
N LEU A 131 4.70 -9.31 -2.34
CA LEU A 131 5.13 -7.92 -2.15
C LEU A 131 6.23 -7.54 -3.15
N LEU A 132 6.06 -6.39 -3.81
CA LEU A 132 7.07 -5.86 -4.73
C LEU A 132 7.29 -4.39 -4.41
N PRO A 133 8.53 -3.91 -4.46
CA PRO A 133 8.78 -2.50 -4.10
C PRO A 133 8.57 -1.56 -5.27
N LEU A 134 8.11 -0.37 -4.93
CA LEU A 134 8.30 0.79 -5.81
C LEU A 134 9.19 1.72 -4.99
N ASN A 135 10.50 1.68 -5.24
CA ASN A 135 11.47 2.46 -4.48
C ASN A 135 12.23 3.44 -5.35
N GLN A 136 11.75 3.69 -6.57
CA GLN A 136 12.39 4.65 -7.45
C GLN A 136 11.35 5.06 -8.48
N GLU A 137 11.72 6.03 -9.31
CA GLU A 137 10.76 6.59 -10.27
C GLU A 137 10.48 5.66 -11.44
N ASP A 138 11.51 5.02 -12.00
CA ASP A 138 11.32 4.26 -13.24
C ASP A 138 11.14 2.79 -12.91
N ASN A 139 9.91 2.31 -13.03
CA ASN A 139 9.61 0.90 -12.86
C ASN A 139 8.92 0.35 -14.09
N THR A 140 9.32 0.85 -15.27
CA THR A 140 8.65 0.44 -16.50
C THR A 140 8.81 -1.07 -16.73
N ASN A 141 10.04 -1.54 -16.65
CA ASN A 141 10.32 -2.93 -16.96
C ASN A 141 9.77 -3.83 -15.87
N LEU A 142 9.77 -3.37 -14.63
CA LEU A 142 9.15 -4.16 -13.57
C LEU A 142 7.65 -4.34 -13.82
N ALA A 143 6.97 -3.25 -14.22
CA ALA A 143 5.57 -3.33 -14.60
C ALA A 143 5.37 -4.26 -15.79
N ARG A 144 6.29 -4.22 -16.76
CA ARG A 144 6.10 -5.08 -17.91
C ARG A 144 6.23 -6.55 -17.50
N VAL A 145 7.23 -6.88 -16.67
CA VAL A 145 7.37 -8.28 -16.26
C VAL A 145 6.17 -8.71 -15.41
N LEU A 146 5.68 -7.83 -14.52
CA LEU A 146 4.54 -8.20 -13.69
C LEU A 146 3.31 -8.42 -14.55
N THR A 147 3.09 -7.52 -15.51
CA THR A 147 1.94 -7.62 -16.38
C THR A 147 1.97 -8.91 -17.18
N ASN A 148 3.17 -9.26 -17.67
CA ASN A 148 3.36 -10.53 -18.35
C ASN A 148 2.97 -11.69 -17.45
N HIS A 149 3.50 -11.70 -16.21
CA HIS A 149 3.11 -12.75 -15.27
C HIS A 149 1.59 -12.82 -15.11
N ILE A 150 0.96 -11.66 -14.93
CA ILE A 150 -0.49 -11.61 -14.69
C ILE A 150 -1.27 -12.21 -15.86
N HIS A 151 -0.74 -12.13 -17.07
CA HIS A 151 -1.44 -12.67 -18.24
C HIS A 151 -0.95 -14.07 -18.58
N THR A 152 -0.58 -14.83 -17.56
CA THR A 152 0.00 -16.17 -17.71
C THR A 152 -0.78 -17.05 -16.75
N GLY A 153 -2.00 -17.42 -17.16
CA GLY A 153 -2.97 -18.06 -16.28
C GLY A 153 -3.82 -17.05 -15.50
N HIS A 154 -5.13 -17.30 -15.41
CA HIS A 154 -6.02 -16.47 -14.60
C HIS A 154 -5.92 -16.90 -13.14
N HIS A 155 -5.51 -15.98 -12.26
CA HIS A 155 -5.36 -16.29 -10.85
C HIS A 155 -5.85 -15.15 -10.00
N SER A 156 -6.22 -15.48 -8.77
CA SER A 156 -6.80 -14.53 -7.82
C SER A 156 -5.76 -13.82 -6.96
N SER A 157 -4.53 -14.32 -6.97
CA SER A 157 -3.44 -13.77 -6.16
C SER A 157 -3.32 -12.25 -6.29
N MET A 158 -2.93 -11.60 -5.19
CA MET A 158 -2.73 -10.15 -5.12
C MET A 158 -1.25 -9.78 -5.11
N PHE A 159 -0.94 -8.66 -5.76
CA PHE A 159 0.40 -8.08 -5.75
C PHE A 159 0.34 -6.78 -4.98
N TRP A 160 1.02 -6.74 -3.83
CA TRP A 160 1.08 -5.56 -2.98
C TRP A 160 2.33 -4.76 -3.33
N MET A 161 2.15 -3.56 -3.90
CA MET A 161 3.28 -2.69 -4.23
C MET A 161 3.70 -1.89 -3.00
N ARG A 162 4.91 -2.13 -2.51
CA ARG A 162 5.42 -1.53 -1.29
C ARG A 162 5.95 -0.15 -1.65
N VAL A 163 5.24 0.88 -1.24
CA VAL A 163 5.54 2.25 -1.66
C VAL A 163 5.44 3.16 -0.43
N PRO A 164 6.44 4.02 -0.20
CA PRO A 164 6.39 4.93 0.96
C PRO A 164 5.56 6.18 0.74
N LEU A 165 4.96 6.64 1.85
CA LEU A 165 4.47 8.02 1.90
C LEU A 165 5.54 8.99 1.44
N VAL A 166 6.75 8.83 1.95
CA VAL A 166 7.85 9.77 1.71
C VAL A 166 9.04 8.98 1.18
N ALA A 167 9.54 9.38 0.01
CA ALA A 167 10.68 8.69 -0.58
C ALA A 167 11.85 8.76 0.39
N PRO A 168 12.66 7.70 0.48
CA PRO A 168 13.87 7.79 1.31
C PRO A 168 14.72 9.01 0.98
N GLU A 169 14.88 9.33 -0.30
CA GLU A 169 15.70 10.49 -0.65
C GLU A 169 15.18 11.77 0.01
N ASP A 170 13.86 11.84 0.26
CA ASP A 170 13.23 13.04 0.81
C ASP A 170 13.13 13.01 2.33
N LEU A 171 13.62 11.96 3.01
CA LEU A 171 13.67 11.93 4.48
C LEU A 171 15.07 11.65 5.03
N ARG A 172 16.09 11.67 4.18
CA ARG A 172 17.44 11.38 4.65
C ARG A 172 17.90 12.46 5.63
N ASP A 173 18.73 12.07 6.60
CA ASP A 173 19.32 13.06 7.50
C ASP A 173 20.09 14.11 6.70
N ASP A 174 20.07 15.35 7.19
CA ASP A 174 20.75 16.46 6.53
C ASP A 174 22.23 16.50 6.97
N ILE A 175 22.95 15.42 6.64
CA ILE A 175 24.30 15.26 7.16
C ILE A 175 25.36 15.24 6.07
N ILE A 176 25.00 15.57 4.82
CA ILE A 176 25.96 15.55 3.71
C ILE A 176 26.36 16.99 3.43
N GLU A 177 27.56 17.35 3.88
CA GLU A 177 27.94 18.76 3.93
C GLU A 177 27.86 19.43 2.56
N ASN A 178 28.08 18.69 1.47
CA ASN A 178 28.09 19.29 0.13
C ASN A 178 26.87 18.88 -0.69
N ALA A 179 25.84 18.33 -0.07
CA ALA A 179 24.54 18.13 -0.72
C ALA A 179 23.46 18.37 0.32
N PRO A 180 23.20 19.63 0.67
CA PRO A 180 22.17 19.90 1.69
C PRO A 180 20.80 19.41 1.24
N THR A 181 19.93 19.19 2.22
CA THR A 181 18.56 18.76 1.94
C THR A 181 17.73 19.99 1.59
N THR A 182 16.77 19.80 0.70
CA THR A 182 15.86 20.89 0.37
C THR A 182 15.19 21.40 1.64
N HIS A 183 15.04 22.73 1.74
CA HIS A 183 14.30 23.34 2.83
C HIS A 183 13.14 24.18 2.33
N THR A 184 12.90 24.18 1.03
CA THR A 184 11.81 24.92 0.43
C THR A 184 10.72 23.95 -0.01
N GLU A 185 9.48 24.41 0.04
CA GLU A 185 8.34 23.54 -0.22
C GLU A 185 8.28 23.20 -1.71
N GLU A 186 8.14 21.92 -2.02
CA GLU A 186 7.97 21.48 -3.40
C GLU A 186 6.67 20.70 -3.48
N TYR A 187 5.57 21.44 -3.65
CA TYR A 187 4.23 20.89 -3.48
C TYR A 187 4.07 19.57 -4.22
N SER A 188 4.27 19.56 -5.54
CA SER A 188 4.13 18.34 -6.32
C SER A 188 5.28 17.37 -6.02
N GLY A 189 6.48 17.91 -5.80
CA GLY A 189 7.61 17.04 -5.45
C GLY A 189 7.34 16.16 -4.25
N GLU A 190 6.69 16.71 -3.22
CA GLU A 190 6.44 15.90 -2.04
C GLU A 190 5.37 14.84 -2.31
N GLU A 191 4.73 14.87 -3.46
CA GLU A 191 3.80 13.82 -3.85
C GLU A 191 4.45 12.79 -4.79
N LYS A 192 5.77 12.83 -4.93
CA LYS A 192 6.38 12.05 -6.01
C LYS A 192 6.03 10.56 -5.92
N THR A 193 5.92 10.00 -4.70
CA THR A 193 5.78 8.55 -4.62
C THR A 193 4.37 8.12 -5.05
N TRP A 194 3.36 8.97 -4.85
CA TRP A 194 2.07 8.68 -5.46
C TRP A 194 2.25 8.55 -6.96
N MET A 195 3.08 9.43 -7.56
CA MET A 195 3.29 9.31 -9.00
C MET A 195 3.96 7.98 -9.36
N TRP A 196 4.90 7.51 -8.54
CA TRP A 196 5.48 6.20 -8.79
C TRP A 196 4.38 5.14 -8.90
N TRP A 197 3.44 5.16 -7.95
CA TRP A 197 2.36 4.18 -7.91
C TRP A 197 1.45 4.35 -9.12
N HIS A 198 1.11 5.60 -9.45
CA HIS A 198 0.11 5.85 -10.48
C HIS A 198 0.62 5.45 -11.84
N ASN A 199 1.87 5.81 -12.15
CA ASN A 199 2.46 5.35 -13.41
C ASN A 199 2.54 3.84 -13.46
N PHE A 200 2.96 3.19 -12.35
CA PHE A 200 3.06 1.74 -12.34
C PHE A 200 1.71 1.09 -12.66
N ARG A 201 0.63 1.53 -11.97
CA ARG A 201 -0.64 0.85 -12.18
C ARG A 201 -1.26 1.20 -13.53
N THR A 202 -0.95 2.37 -14.07
CA THR A 202 -1.39 2.73 -15.41
C THR A 202 -0.73 1.82 -16.44
N LEU A 203 0.58 1.64 -16.31
CA LEU A 203 1.30 0.72 -17.19
C LEU A 203 0.68 -0.68 -17.16
N CYS A 204 0.33 -1.17 -15.96
CA CYS A 204 -0.26 -2.48 -15.71
C CYS A 204 -1.78 -2.47 -15.96
N ASP A 205 -2.30 -1.38 -16.52
CA ASP A 205 -3.68 -1.24 -16.98
C ASP A 205 -4.70 -1.52 -15.89
N TYR A 206 -4.47 -0.96 -14.72
CA TYR A 206 -5.43 -1.02 -13.65
C TYR A 206 -5.83 -2.45 -13.36
N SER A 207 -4.85 -3.36 -13.35
CA SER A 207 -5.17 -4.73 -12.97
C SER A 207 -5.80 -4.73 -11.60
N LYS A 208 -6.85 -5.54 -11.42
CA LYS A 208 -7.51 -5.62 -10.11
C LYS A 208 -6.64 -6.35 -9.11
N ARG A 209 -5.65 -7.09 -9.57
CA ARG A 209 -4.77 -7.85 -8.70
C ARG A 209 -3.64 -6.99 -8.11
N ILE A 210 -3.56 -5.70 -8.46
CA ILE A 210 -2.45 -4.83 -8.06
C ILE A 210 -2.97 -3.80 -7.07
N ALA A 211 -2.43 -3.82 -5.84
CA ALA A 211 -2.86 -2.97 -4.73
C ALA A 211 -1.63 -2.35 -4.05
N VAL A 212 -1.90 -1.45 -3.09
CA VAL A 212 -0.85 -0.64 -2.45
C VAL A 212 -0.60 -1.22 -1.07
N ALA A 213 0.68 -1.35 -0.72
CA ALA A 213 1.11 -1.53 0.67
C ALA A 213 1.82 -0.22 1.03
N LEU A 214 1.10 0.66 1.71
CA LEU A 214 1.60 2.02 1.98
C LEU A 214 2.50 2.01 3.23
N GLU A 215 3.76 2.40 3.05
CA GLU A 215 4.75 2.37 4.14
C GLU A 215 4.86 3.74 4.81
N ILE A 216 4.75 3.75 6.14
CA ILE A 216 4.64 4.95 6.94
C ILE A 216 5.98 5.24 7.63
N GLY A 217 6.46 6.49 7.53
CA GLY A 217 7.72 6.86 8.13
C GLY A 217 7.58 7.57 9.47
N ALA A 218 8.75 7.84 10.08
CA ALA A 218 8.78 8.48 11.38
C ALA A 218 8.18 9.86 11.33
N ASP A 219 8.38 10.59 10.23
CA ASP A 219 7.81 11.91 10.02
C ASP A 219 6.82 11.83 8.88
N LEU A 220 5.60 12.30 9.12
CA LEU A 220 4.52 12.35 8.15
C LEU A 220 4.65 13.61 7.28
N PRO A 221 4.27 13.51 6.01
CA PRO A 221 4.35 14.65 5.11
C PRO A 221 3.15 15.57 5.36
N SER A 222 3.07 16.66 4.58
CA SER A 222 1.88 17.50 4.60
C SER A 222 0.62 16.64 4.40
N ASN A 223 -0.52 17.17 4.86
CA ASN A 223 -1.79 16.48 4.67
C ASN A 223 -2.06 16.19 3.21
N HIS A 224 -1.76 17.16 2.33
CA HIS A 224 -2.09 16.96 0.92
C HIS A 224 -1.34 15.74 0.35
N VAL A 225 -0.15 15.45 0.85
CA VAL A 225 0.58 14.26 0.40
C VAL A 225 -0.16 13.00 0.84
N ILE A 226 -0.64 12.99 2.08
CA ILE A 226 -1.36 11.85 2.60
C ILE A 226 -2.66 11.67 1.83
N ASP A 227 -3.41 12.76 1.66
CA ASP A 227 -4.68 12.71 0.97
C ASP A 227 -4.56 12.25 -0.47
N ARG A 228 -3.36 12.33 -1.05
CA ARG A 228 -3.17 11.82 -2.41
C ARG A 228 -3.57 10.35 -2.55
N TRP A 229 -3.51 9.58 -1.45
CA TRP A 229 -3.76 8.15 -1.49
C TRP A 229 -5.24 7.85 -1.26
N LEU A 230 -6.05 8.88 -1.05
CA LEU A 230 -7.49 8.69 -0.92
C LEU A 230 -8.05 8.09 -2.20
N GLY A 231 -8.93 7.09 -2.05
CA GLY A 231 -9.49 6.41 -3.19
C GLY A 231 -8.58 5.40 -3.86
N GLU A 232 -7.35 5.25 -3.38
CA GLU A 232 -6.49 4.22 -3.97
C GLU A 232 -6.70 2.89 -3.29
N PRO A 233 -6.43 1.82 -4.01
CA PRO A 233 -6.65 0.46 -3.46
C PRO A 233 -5.61 0.11 -2.42
N ILE A 234 -5.70 0.71 -1.25
CA ILE A 234 -4.74 0.42 -0.19
C ILE A 234 -5.17 -0.87 0.50
N LYS A 235 -4.36 -1.92 0.36
CA LYS A 235 -4.67 -3.16 1.05
C LYS A 235 -3.93 -3.32 2.36
N ALA A 236 -2.80 -2.63 2.52
CA ALA A 236 -1.95 -2.84 3.68
C ALA A 236 -1.24 -1.54 4.01
N ALA A 237 -0.99 -1.35 5.30
CA ALA A 237 -0.20 -0.25 5.82
C ALA A 237 0.96 -0.84 6.59
N ILE A 238 2.18 -0.36 6.32
CA ILE A 238 3.39 -0.93 6.92
C ILE A 238 3.94 0.06 7.94
N LEU A 239 4.04 -0.39 9.19
CA LEU A 239 4.52 0.39 10.32
C LEU A 239 5.88 -0.13 10.77
N PRO A 240 6.98 0.55 10.47
CA PRO A 240 8.27 0.13 11.05
C PRO A 240 8.29 0.38 12.54
N THR A 241 8.92 -0.55 13.28
CA THR A 241 9.01 -0.35 14.72
C THR A 241 9.74 0.93 15.09
N SER A 242 10.53 1.50 14.19
CA SER A 242 11.29 2.69 14.50
C SER A 242 10.41 3.94 14.58
N ILE A 243 9.20 3.92 14.01
CA ILE A 243 8.36 5.11 14.13
C ILE A 243 7.64 5.19 15.47
N PHE A 244 7.65 4.13 16.28
CA PHE A 244 6.96 4.15 17.56
C PHE A 244 7.75 4.94 18.60
N LEU A 245 7.04 5.75 19.38
CA LEU A 245 7.56 6.43 20.55
C LEU A 245 7.62 5.46 21.73
N THR A 246 8.04 5.99 22.89
CA THR A 246 8.11 5.22 24.13
C THR A 246 7.45 6.03 25.24
N ASN A 247 6.43 5.46 25.89
CA ASN A 247 5.75 6.16 26.97
C ASN A 247 6.51 6.00 28.29
N LYS A 248 5.96 6.59 29.36
CA LYS A 248 6.65 6.57 30.65
C LYS A 248 7.02 5.14 31.04
N LYS A 249 6.09 4.19 30.87
CA LYS A 249 6.30 2.82 31.33
C LYS A 249 7.21 2.01 30.42
N GLY A 250 7.64 2.55 29.27
CA GLY A 250 8.58 1.89 28.39
C GLY A 250 7.97 1.21 27.17
N PHE A 251 6.67 1.37 26.95
CA PHE A 251 5.94 0.65 25.93
C PHE A 251 5.86 1.45 24.64
N PRO A 252 5.92 0.79 23.48
CA PRO A 252 5.84 1.53 22.21
C PRO A 252 4.46 2.14 22.03
N VAL A 253 4.43 3.39 21.56
CA VAL A 253 3.20 4.13 21.28
C VAL A 253 3.44 4.97 20.03
N LEU A 254 2.39 5.68 19.59
CA LEU A 254 2.46 6.52 18.40
C LEU A 254 2.11 7.97 18.72
N SER A 255 2.73 8.89 17.98
CA SER A 255 2.40 10.32 18.12
C SER A 255 0.95 10.57 17.73
N LYS A 256 0.38 11.65 18.28
CA LYS A 256 -1.03 11.90 18.01
C LYS A 256 -1.30 11.99 16.51
N MET A 257 -0.35 12.49 15.74
CA MET A 257 -0.53 12.57 14.30
C MET A 257 -0.59 11.18 13.66
N HIS A 258 0.33 10.28 14.04
CA HIS A 258 0.28 8.92 13.52
C HIS A 258 -1.00 8.23 13.95
N GLN A 259 -1.41 8.42 15.21
CA GLN A 259 -2.70 7.88 15.66
C GLN A 259 -3.83 8.35 14.75
N ARG A 260 -3.81 9.63 14.37
CA ARG A 260 -4.81 10.12 13.44
C ARG A 260 -4.79 9.30 12.15
N LEU A 261 -3.61 9.06 11.60
CA LEU A 261 -3.50 8.30 10.36
C LEU A 261 -3.96 6.86 10.55
N ILE A 262 -3.59 6.23 11.66
CA ILE A 262 -4.04 4.86 11.93
C ILE A 262 -5.57 4.81 11.93
N PHE A 263 -6.22 5.69 12.71
CA PHE A 263 -7.68 5.72 12.70
C PHE A 263 -8.22 5.82 11.29
N ARG A 264 -7.69 6.76 10.49
CA ARG A 264 -8.14 6.87 9.11
C ARG A 264 -7.96 5.54 8.37
N LEU A 265 -6.90 4.80 8.65
CA LEU A 265 -6.67 3.56 7.93
C LEU A 265 -7.55 2.42 8.43
N LEU A 266 -7.90 2.42 9.72
CA LEU A 266 -8.84 1.44 10.23
C LEU A 266 -10.19 1.58 9.55
N LYS A 267 -10.55 2.80 9.15
CA LYS A 267 -11.81 3.01 8.45
C LYS A 267 -11.80 2.35 7.08
N LEU A 268 -10.63 2.08 6.51
CA LEU A 268 -10.49 1.30 5.29
C LEU A 268 -10.14 -0.17 5.55
N GLU A 269 -10.21 -0.62 6.79
CA GLU A 269 -9.97 -2.01 7.08
C GLU A 269 -8.76 -2.54 6.31
N VAL A 270 -7.69 -1.77 6.26
CA VAL A 270 -6.48 -2.30 5.69
C VAL A 270 -5.89 -3.32 6.64
N GLN A 271 -4.96 -4.12 6.12
CA GLN A 271 -4.16 -4.96 7.00
C GLN A 271 -2.89 -4.20 7.40
N PHE A 272 -2.56 -4.27 8.69
CA PHE A 272 -1.38 -3.61 9.24
C PHE A 272 -0.21 -4.59 9.33
N ILE A 273 0.96 -4.14 8.90
CA ILE A 273 2.17 -4.95 8.87
C ILE A 273 3.23 -4.27 9.71
N ILE A 274 3.84 -5.02 10.63
CA ILE A 274 4.90 -4.53 11.50
C ILE A 274 6.24 -4.98 10.92
N THR A 275 7.09 -4.02 10.57
CA THR A 275 8.40 -4.31 10.01
C THR A 275 9.47 -3.71 10.91
N GLY A 276 10.68 -4.24 10.80
CA GLY A 276 11.81 -3.81 11.59
C GLY A 276 12.03 -4.69 12.82
N THR A 277 13.11 -4.40 13.54
CA THR A 277 13.38 -5.23 14.71
C THR A 277 12.83 -4.56 15.96
N ASN A 278 12.80 -5.33 17.05
CA ASN A 278 12.29 -4.83 18.33
C ASN A 278 13.32 -3.91 18.96
N HIS A 279 12.98 -2.61 19.07
CA HIS A 279 13.83 -1.61 19.69
C HIS A 279 13.46 -1.32 21.14
N HIS A 280 12.27 -1.74 21.57
CA HIS A 280 11.89 -1.69 22.98
C HIS A 280 12.16 -3.05 23.61
N SER A 281 13.46 -3.37 23.68
CA SER A 281 13.89 -4.70 24.09
C SER A 281 13.54 -5.02 25.55
N GLU A 282 13.25 -4.00 26.36
CA GLU A 282 12.77 -4.26 27.71
C GLU A 282 11.41 -4.96 27.68
N LYS A 283 10.55 -4.59 26.74
CA LYS A 283 9.26 -5.23 26.54
C LYS A 283 9.37 -6.30 25.45
N GLU A 284 8.40 -7.22 25.46
CA GLU A 284 8.35 -8.26 24.45
C GLU A 284 7.73 -7.71 23.16
N PHE A 285 7.63 -8.56 22.14
CA PHE A 285 7.41 -8.04 20.80
C PHE A 285 5.95 -7.98 20.37
N CYS A 286 5.05 -8.75 20.98
CA CYS A 286 3.65 -8.48 20.73
C CYS A 286 3.26 -7.06 21.12
N SER A 287 4.15 -6.34 21.83
CA SER A 287 3.87 -5.00 22.34
C SER A 287 3.45 -4.05 21.22
N TYR A 288 4.25 -3.98 20.16
CA TYR A 288 3.86 -3.14 19.03
C TYR A 288 2.45 -3.46 18.60
N LEU A 289 2.12 -4.76 18.58
CA LEU A 289 0.83 -5.21 18.07
C LEU A 289 -0.28 -4.94 19.09
N GLN A 290 0.01 -5.09 20.38
CA GLN A 290 -0.99 -4.79 21.39
C GLN A 290 -1.38 -3.32 21.34
N TYR A 291 -0.45 -2.45 20.97
CA TYR A 291 -0.79 -1.04 20.87
C TYR A 291 -1.80 -0.79 19.76
N LEU A 292 -1.56 -1.36 18.58
CA LEU A 292 -2.54 -1.34 17.52
C LEU A 292 -3.90 -1.80 18.00
N GLU A 293 -3.96 -2.95 18.67
CA GLU A 293 -5.24 -3.41 19.21
C GLU A 293 -5.85 -2.33 20.08
N TYR A 294 -5.03 -1.73 20.95
CA TYR A 294 -5.50 -0.68 21.84
C TYR A 294 -6.11 0.49 21.06
N LEU A 295 -5.46 0.92 19.98
CA LEU A 295 -6.05 1.97 19.17
C LEU A 295 -7.36 1.52 18.54
N SER A 296 -7.39 0.29 18.00
CA SER A 296 -8.61 -0.22 17.37
C SER A 296 -9.78 -0.22 18.34
N GLN A 297 -9.55 -0.66 19.58
CA GLN A 297 -10.63 -0.69 20.57
C GLN A 297 -11.12 0.72 20.92
N ASN A 298 -10.26 1.72 20.78
CA ASN A 298 -10.60 3.10 21.14
C ASN A 298 -11.02 3.85 19.88
N ARG A 299 -12.32 3.87 19.62
CA ARG A 299 -12.93 4.69 18.59
C ARG A 299 -14.44 4.45 18.70
N PRO A 300 -15.27 5.35 18.21
CA PRO A 300 -16.74 5.22 18.43
C PRO A 300 -17.32 4.06 17.65
N PRO A 301 -18.04 3.16 18.33
CA PRO A 301 -18.63 1.98 17.64
C PRO A 301 -19.56 2.37 16.50
N PRO A 302 -20.38 1.41 15.99
CA PRO A 302 -21.27 1.70 14.85
C PRO A 302 -22.48 2.52 15.28
N ASN A 303 -22.49 3.80 14.90
CA ASN A 303 -23.57 4.73 15.26
C ASN A 303 -24.75 4.49 14.33
N ALA A 304 -25.53 3.46 14.65
CA ALA A 304 -26.76 3.13 13.92
C ALA A 304 -26.56 3.09 12.40
N TYR A 305 -26.24 4.25 11.79
CA TYR A 305 -25.97 4.34 10.36
C TYR A 305 -24.80 3.45 9.98
N GLU A 306 -23.60 3.81 10.46
CA GLU A 306 -22.39 3.07 10.11
C GLU A 306 -22.53 1.57 10.43
N LEU A 307 -23.21 1.23 11.52
CA LEU A 307 -23.60 -0.16 11.75
C LEU A 307 -24.30 -0.72 10.51
N PHE A 308 -25.25 0.03 9.96
CA PHE A 308 -26.06 -0.44 8.84
C PHE A 308 -25.26 -0.43 7.53
N ALA A 309 -24.39 0.55 7.34
CA ALA A 309 -23.80 0.83 6.06
C ALA A 309 -22.44 0.16 5.83
N LYS A 310 -21.84 -0.46 6.86
CA LYS A 310 -20.48 -1.01 6.70
C LYS A 310 -20.42 -2.10 5.64
N GLY A 311 -21.46 -2.96 5.57
CA GLY A 311 -21.47 -4.05 4.60
C GLY A 311 -21.63 -3.59 3.17
N TYR A 312 -22.11 -2.36 2.96
CA TYR A 312 -22.43 -1.84 1.64
C TYR A 312 -21.33 -0.97 1.07
N GLU A 313 -20.21 -0.82 1.76
CA GLU A 313 -19.22 0.16 1.36
C GLU A 313 -18.67 -0.13 -0.02
N ASP A 314 -18.79 0.85 -0.91
CA ASP A 314 -18.30 0.79 -2.28
C ASP A 314 -18.91 -0.36 -3.11
N TYR A 315 -20.06 -0.86 -2.68
CA TYR A 315 -20.77 -1.94 -3.35
C TYR A 315 -21.70 -1.34 -4.39
N LEU A 316 -21.41 -1.54 -5.66
CA LEU A 316 -22.23 -0.92 -6.71
C LEU A 316 -23.64 -1.55 -6.79
N GLN A 317 -24.69 -0.71 -6.85
CA GLN A 317 -26.08 -1.17 -6.97
C GLN A 317 -26.76 -0.51 -8.17
N SER A 318 -27.54 -1.27 -8.94
CA SER A 318 -28.45 -0.65 -9.91
C SER A 318 -29.46 0.26 -9.19
N PRO A 319 -29.66 1.50 -9.63
CA PRO A 319 -30.70 2.31 -8.98
C PRO A 319 -32.07 1.70 -9.23
N LEU A 320 -32.87 1.60 -8.17
CA LEU A 320 -34.24 1.16 -8.31
C LEU A 320 -34.97 2.00 -9.35
N GLN A 321 -35.90 1.36 -10.05
CA GLN A 321 -36.86 2.06 -10.90
C GLN A 321 -38.26 1.64 -10.48
N PRO A 322 -38.79 2.23 -9.39
CA PRO A 322 -40.09 1.76 -8.88
C PRO A 322 -41.25 2.05 -9.80
N LEU A 323 -41.09 2.95 -10.76
CA LEU A 323 -42.15 3.17 -11.75
C LEU A 323 -42.23 2.00 -12.72
N MET A 324 -41.15 1.75 -13.45
CA MET A 324 -41.14 0.72 -14.46
C MET A 324 -41.23 -0.68 -13.86
N ASP A 325 -40.63 -0.89 -12.67
CA ASP A 325 -40.56 -2.22 -12.05
C ASP A 325 -41.43 -2.28 -10.80
N ASN A 326 -41.96 -3.46 -10.52
CA ASN A 326 -42.72 -3.67 -9.28
C ASN A 326 -41.77 -4.13 -8.18
N LEU A 327 -41.58 -3.30 -7.16
CA LEU A 327 -40.59 -3.58 -6.12
C LEU A 327 -40.98 -4.82 -5.32
N GLU A 328 -39.96 -5.59 -4.89
CA GLU A 328 -40.17 -6.78 -4.06
C GLU A 328 -40.53 -6.45 -2.62
N SER A 329 -41.22 -7.40 -1.98
CA SER A 329 -41.61 -7.26 -0.58
C SER A 329 -40.46 -6.72 0.28
N GLN A 330 -39.27 -7.36 0.17
CA GLN A 330 -38.17 -7.02 1.07
C GLN A 330 -37.56 -5.65 0.77
N THR A 331 -37.75 -5.14 -0.45
CA THR A 331 -37.33 -3.79 -0.76
C THR A 331 -38.16 -2.76 0.01
N TYR A 332 -39.49 -2.93 0.04
CA TYR A 332 -40.32 -2.09 0.89
C TYR A 332 -39.91 -2.21 2.35
N GLU A 333 -39.52 -3.42 2.77
CA GLU A 333 -39.08 -3.58 4.15
C GLU A 333 -37.88 -2.66 4.46
N VAL A 334 -36.95 -2.54 3.52
CA VAL A 334 -35.80 -1.64 3.69
C VAL A 334 -36.26 -0.20 3.86
N PHE A 335 -37.15 0.27 2.99
CA PHE A 335 -37.72 1.61 3.15
C PHE A 335 -38.28 1.81 4.54
N GLU A 336 -38.98 0.81 5.06
CA GLU A 336 -39.78 0.99 6.27
C GLU A 336 -38.93 0.95 7.53
N LYS A 337 -37.70 0.45 7.42
CA LYS A 337 -36.82 0.37 8.57
C LYS A 337 -36.09 1.68 8.85
N ASP A 338 -36.75 2.82 8.66
CA ASP A 338 -36.13 4.13 8.86
C ASP A 338 -37.12 5.07 9.53
N PRO A 339 -37.26 4.94 10.85
CA PRO A 339 -38.30 5.74 11.54
C PRO A 339 -38.04 7.25 11.48
N ILE A 340 -36.78 7.70 11.55
CA ILE A 340 -36.51 9.13 11.45
C ILE A 340 -37.13 9.70 10.19
N LYS A 341 -37.00 8.98 9.07
CA LYS A 341 -37.60 9.45 7.83
C LYS A 341 -39.12 9.62 7.97
N TYR A 342 -39.83 8.59 8.43
CA TYR A 342 -41.27 8.71 8.38
C TYR A 342 -41.76 9.72 9.39
N SER A 343 -41.03 9.91 10.49
CA SER A 343 -41.49 10.90 11.44
C SER A 343 -41.22 12.31 10.93
N GLN A 344 -40.21 12.52 10.06
CA GLN A 344 -40.15 13.76 9.28
C GLN A 344 -41.43 13.97 8.45
N TYR A 345 -41.85 12.93 7.69
CA TYR A 345 -43.11 13.00 6.94
C TYR A 345 -44.28 13.32 7.85
N GLN A 346 -44.35 12.65 9.01
CA GLN A 346 -45.43 12.93 9.94
C GLN A 346 -45.43 14.40 10.36
N GLN A 347 -44.25 14.95 10.66
CA GLN A 347 -44.19 16.33 11.08
C GLN A 347 -44.58 17.26 9.94
N ALA A 348 -44.18 16.95 8.70
CA ALA A 348 -44.61 17.79 7.58
C ALA A 348 -46.14 17.78 7.43
N ILE A 349 -46.75 16.59 7.47
CA ILE A 349 -48.19 16.48 7.33
C ILE A 349 -48.90 17.23 8.47
N TYR A 350 -48.46 16.98 9.70
CA TYR A 350 -48.96 17.67 10.89
C TYR A 350 -48.99 19.20 10.73
N LYS A 351 -47.83 19.80 10.46
CA LYS A 351 -47.78 21.25 10.31
C LYS A 351 -48.79 21.71 9.26
N CYS A 352 -48.85 20.99 8.13
CA CYS A 352 -49.75 21.37 7.05
C CYS A 352 -51.21 21.33 7.48
N LEU A 353 -51.63 20.22 8.11
CA LEU A 353 -53.00 20.14 8.59
C LEU A 353 -53.35 21.37 9.44
N LEU A 354 -52.44 21.76 10.34
CA LEU A 354 -52.71 22.92 11.18
C LEU A 354 -52.82 24.19 10.34
N ASP A 355 -51.86 24.42 9.43
CA ASP A 355 -51.93 25.62 8.60
C ASP A 355 -53.23 25.68 7.79
N ARG A 356 -53.83 24.54 7.47
CA ARG A 356 -54.96 24.52 6.56
C ARG A 356 -56.31 24.55 7.27
N VAL A 357 -56.38 24.12 8.52
CA VAL A 357 -57.65 23.99 9.21
C VAL A 357 -57.58 24.74 10.54
N PRO A 358 -58.17 25.94 10.63
CA PRO A 358 -58.22 26.66 11.91
C PRO A 358 -58.90 25.83 13.00
N GLU A 359 -58.54 26.16 14.23
CA GLU A 359 -59.09 25.46 15.40
C GLU A 359 -60.61 25.44 15.42
N GLU A 360 -61.25 26.58 15.07
CA GLU A 360 -62.71 26.67 15.11
C GLU A 360 -63.37 25.68 14.15
N GLU A 361 -62.62 25.18 13.16
CA GLU A 361 -63.14 24.29 12.12
C GLU A 361 -62.72 22.84 12.31
N LYS A 362 -62.18 22.49 13.48
CA LYS A 362 -61.51 21.19 13.62
C LYS A 362 -62.47 20.02 13.48
N ASP A 363 -63.78 20.24 13.65
CA ASP A 363 -64.75 19.16 13.56
C ASP A 363 -65.56 19.16 12.28
N THR A 364 -65.58 20.28 11.54
CA THR A 364 -66.30 20.37 10.28
C THR A 364 -65.43 20.08 9.06
N ASN A 365 -64.14 20.38 9.12
CA ASN A 365 -63.28 20.44 7.93
C ASN A 365 -62.45 19.15 7.84
N VAL A 366 -62.93 18.20 7.03
CA VAL A 366 -62.19 16.97 6.74
C VAL A 366 -61.28 17.20 5.53
N GLN A 367 -59.97 17.00 5.70
CA GLN A 367 -59.00 17.17 4.62
C GLN A 367 -58.84 15.88 3.83
N VAL A 368 -58.80 16.00 2.50
CA VAL A 368 -58.60 14.84 1.64
C VAL A 368 -57.09 14.71 1.40
N LEU A 369 -56.51 13.67 2.00
CA LEU A 369 -55.10 13.32 1.81
C LEU A 369 -54.98 12.12 0.89
N MET A 370 -54.12 12.23 -0.11
CA MET A 370 -53.80 11.14 -1.01
C MET A 370 -52.31 10.82 -0.89
N VAL A 371 -52.00 9.58 -0.50
CA VAL A 371 -50.64 9.06 -0.59
C VAL A 371 -50.44 8.52 -2.00
N LEU A 372 -49.52 9.12 -2.75
CA LEU A 372 -49.34 8.78 -4.17
C LEU A 372 -48.07 7.93 -4.28
N GLY A 373 -48.25 6.60 -4.31
CA GLY A 373 -47.15 5.65 -4.23
C GLY A 373 -47.01 5.13 -2.80
N ALA A 374 -48.07 4.54 -2.26
CA ALA A 374 -48.17 4.17 -0.84
C ALA A 374 -47.40 2.90 -0.46
N GLY A 375 -46.90 2.12 -1.44
CA GLY A 375 -46.16 0.91 -1.11
C GLY A 375 -46.89 0.01 -0.12
N ARG A 376 -46.30 -0.28 1.04
CA ARG A 376 -46.94 -1.16 2.01
C ARG A 376 -47.63 -0.42 3.16
N GLY A 377 -47.65 0.91 3.15
CA GLY A 377 -48.45 1.64 4.10
C GLY A 377 -47.80 2.68 5.02
N PRO A 378 -46.46 2.81 5.08
CA PRO A 378 -45.88 3.67 6.13
C PRO A 378 -46.31 5.13 6.06
N LEU A 379 -46.48 5.70 4.86
CA LEU A 379 -47.02 7.06 4.75
C LEU A 379 -48.46 7.12 5.15
N VAL A 380 -49.23 6.07 4.86
CA VAL A 380 -50.62 6.00 5.32
C VAL A 380 -50.66 6.09 6.84
N ASN A 381 -49.83 5.30 7.52
CA ASN A 381 -49.82 5.37 8.98
C ASN A 381 -49.28 6.70 9.47
N ALA A 382 -48.25 7.23 8.81
CA ALA A 382 -47.75 8.56 9.18
C ALA A 382 -48.84 9.62 9.06
N SER A 383 -49.63 9.56 7.98
CA SER A 383 -50.75 10.49 7.84
C SER A 383 -51.74 10.35 8.98
N LEU A 384 -52.06 9.10 9.36
CA LEU A 384 -53.04 8.90 10.43
C LEU A 384 -52.49 9.42 11.76
N ARG A 385 -51.24 9.09 12.06
CA ARG A 385 -50.65 9.59 13.30
C ARG A 385 -50.57 11.11 13.31
N ALA A 386 -50.33 11.72 12.14
CA ALA A 386 -50.23 13.17 12.06
C ALA A 386 -51.58 13.82 12.38
N ALA A 387 -52.67 13.26 11.84
CA ALA A 387 -53.99 13.81 12.08
C ALA A 387 -54.36 13.71 13.56
N LYS A 388 -54.14 12.55 14.17
CA LYS A 388 -54.36 12.45 15.62
C LYS A 388 -53.60 13.54 16.36
N GLN A 389 -52.28 13.63 16.16
CA GLN A 389 -51.50 14.60 16.92
C GLN A 389 -51.92 16.04 16.60
N ALA A 390 -52.41 16.28 15.38
CA ALA A 390 -52.93 17.59 15.03
C ALA A 390 -54.37 17.82 15.49
N ASP A 391 -55.07 16.78 15.94
CA ASP A 391 -56.48 16.86 16.27
C ASP A 391 -57.27 17.46 15.10
N ARG A 392 -57.10 16.83 13.94
CA ARG A 392 -57.82 17.22 12.74
C ARG A 392 -58.32 15.97 12.03
N ARG A 393 -59.32 16.15 11.18
CA ARG A 393 -59.97 15.04 10.49
C ARG A 393 -59.46 14.94 9.06
N ILE A 394 -59.15 13.72 8.62
CA ILE A 394 -58.62 13.47 7.30
C ILE A 394 -59.34 12.29 6.67
N LYS A 395 -59.61 12.39 5.36
CA LYS A 395 -60.01 11.26 4.53
C LYS A 395 -58.83 10.87 3.66
N LEU A 396 -58.45 9.58 3.70
CA LEU A 396 -57.21 9.06 3.12
C LEU A 396 -57.48 8.24 1.87
N TYR A 397 -56.71 8.50 0.82
CA TYR A 397 -56.61 7.60 -0.33
C TYR A 397 -55.18 7.08 -0.36
N ALA A 398 -55.03 5.77 -0.54
CA ALA A 398 -53.71 5.14 -0.64
C ALA A 398 -53.59 4.63 -2.07
N VAL A 399 -52.82 5.32 -2.89
CA VAL A 399 -52.66 4.97 -4.30
C VAL A 399 -51.35 4.25 -4.50
N GLU A 400 -51.41 3.09 -5.15
CA GLU A 400 -50.24 2.26 -5.38
C GLU A 400 -50.45 1.43 -6.64
N LYS A 401 -49.53 1.54 -7.60
CA LYS A 401 -49.66 0.82 -8.86
C LYS A 401 -49.09 -0.59 -8.82
N ASN A 402 -48.25 -0.87 -7.85
CA ASN A 402 -47.69 -2.19 -7.68
C ASN A 402 -48.73 -3.11 -7.07
N PRO A 403 -49.31 -4.06 -7.82
CA PRO A 403 -50.43 -4.84 -7.26
C PRO A 403 -49.99 -5.75 -6.14
N ASN A 404 -48.70 -6.11 -6.07
CA ASN A 404 -48.25 -6.97 -4.99
C ASN A 404 -48.29 -6.23 -3.65
N ALA A 405 -47.91 -4.93 -3.66
CA ALA A 405 -47.99 -4.10 -2.46
C ALA A 405 -49.45 -3.79 -2.11
N VAL A 406 -50.28 -3.58 -3.13
CA VAL A 406 -51.72 -3.42 -2.92
C VAL A 406 -52.30 -4.56 -2.10
N VAL A 407 -51.71 -5.76 -2.17
CA VAL A 407 -52.17 -6.85 -1.30
C VAL A 407 -51.92 -6.52 0.17
N THR A 408 -50.69 -6.05 0.47
CA THR A 408 -50.40 -5.65 1.84
C THR A 408 -51.36 -4.56 2.30
N LEU A 409 -51.65 -3.59 1.43
CA LEU A 409 -52.49 -2.45 1.79
C LEU A 409 -53.91 -2.89 2.09
N GLU A 410 -54.47 -3.81 1.27
CA GLU A 410 -55.89 -4.12 1.44
C GLU A 410 -56.11 -5.05 2.63
N ASN A 411 -55.08 -5.83 3.01
CA ASN A 411 -55.18 -6.55 4.28
C ASN A 411 -55.10 -5.57 5.46
N TRP A 412 -54.21 -4.57 5.38
CA TRP A 412 -54.16 -3.51 6.38
C TRP A 412 -55.49 -2.79 6.49
N GLN A 413 -56.03 -2.40 5.35
CA GLN A 413 -57.30 -1.67 5.30
C GLN A 413 -58.43 -2.47 5.96
N PHE A 414 -58.59 -3.74 5.57
CA PHE A 414 -59.61 -4.57 6.17
C PHE A 414 -59.36 -4.79 7.66
N GLU A 415 -58.10 -5.06 8.04
CA GLU A 415 -57.83 -5.45 9.43
C GLU A 415 -57.76 -4.25 10.38
N GLU A 416 -57.22 -3.12 9.92
CA GLU A 416 -56.89 -2.01 10.80
C GLU A 416 -57.54 -0.71 10.35
N TRP A 417 -57.14 -0.16 9.20
CA TRP A 417 -57.52 1.21 8.85
C TRP A 417 -59.03 1.37 8.75
N GLY A 418 -59.72 0.36 8.22
CA GLY A 418 -61.15 0.56 7.98
C GLY A 418 -61.42 1.58 6.87
N SER A 419 -62.65 2.08 6.90
CA SER A 419 -63.21 2.86 5.81
C SER A 419 -62.54 4.23 5.66
N GLN A 420 -61.90 4.73 6.71
CA GLN A 420 -61.14 5.97 6.57
C GLN A 420 -60.11 5.94 5.44
N VAL A 421 -59.61 4.76 5.06
CA VAL A 421 -58.60 4.63 4.00
C VAL A 421 -59.21 3.95 2.78
N THR A 422 -59.04 4.57 1.61
CA THR A 422 -59.45 3.96 0.36
C THR A 422 -58.18 3.59 -0.39
N VAL A 423 -58.00 2.30 -0.66
CA VAL A 423 -56.84 1.84 -1.41
C VAL A 423 -57.20 1.88 -2.88
N VAL A 424 -56.34 2.50 -3.69
CA VAL A 424 -56.57 2.62 -5.12
C VAL A 424 -55.42 1.90 -5.82
N SER A 425 -55.74 0.84 -6.56
CA SER A 425 -54.72 0.08 -7.29
C SER A 425 -54.60 0.66 -8.69
N SER A 426 -53.72 1.66 -8.86
CA SER A 426 -53.76 2.45 -10.08
C SER A 426 -52.49 3.26 -10.26
N ASP A 427 -52.18 3.56 -11.52
CA ASP A 427 -51.12 4.51 -11.81
C ASP A 427 -51.67 5.91 -11.56
N MET A 428 -50.91 6.71 -10.79
CA MET A 428 -51.39 8.02 -10.41
C MET A 428 -51.58 8.92 -11.61
N ARG A 429 -50.91 8.63 -12.74
CA ARG A 429 -51.13 9.41 -13.94
C ARG A 429 -52.39 9.02 -14.70
N GLU A 430 -53.00 7.87 -14.40
CA GLU A 430 -54.22 7.45 -15.07
C GLU A 430 -55.45 7.46 -14.18
N TRP A 431 -55.27 7.49 -12.87
CA TRP A 431 -56.39 7.35 -11.96
C TRP A 431 -57.35 8.52 -12.09
N VAL A 432 -58.62 8.22 -12.32
CA VAL A 432 -59.70 9.22 -12.33
C VAL A 432 -60.15 9.37 -10.88
N ALA A 433 -59.64 10.39 -10.21
CA ALA A 433 -59.94 10.56 -8.81
C ALA A 433 -61.38 11.00 -8.65
N PRO A 434 -62.10 10.49 -7.64
CA PRO A 434 -63.51 10.88 -7.48
C PRO A 434 -63.70 12.25 -6.83
N GLU A 435 -62.64 12.89 -6.40
CA GLU A 435 -62.68 14.21 -5.77
C GLU A 435 -61.26 14.77 -5.81
N LYS A 436 -61.04 15.93 -5.20
CA LYS A 436 -59.71 16.52 -5.26
C LYS A 436 -59.05 16.47 -3.89
N ALA A 437 -57.74 16.57 -3.90
CA ALA A 437 -56.97 16.40 -2.67
C ALA A 437 -56.66 17.76 -2.07
N ASP A 438 -56.64 17.82 -0.74
CA ASP A 438 -56.04 18.96 -0.05
C ASP A 438 -54.53 18.83 0.02
N ILE A 439 -54.04 17.59 0.16
CA ILE A 439 -52.63 17.27 0.29
C ILE A 439 -52.40 15.96 -0.44
N ILE A 440 -51.39 15.95 -1.29
CA ILE A 440 -50.84 14.73 -1.87
C ILE A 440 -49.47 14.53 -1.24
N VAL A 441 -49.21 13.29 -0.80
CA VAL A 441 -47.97 12.93 -0.13
C VAL A 441 -47.32 11.84 -0.96
N SER A 442 -46.02 11.90 -1.12
CA SER A 442 -45.39 10.93 -2.02
C SER A 442 -43.95 10.70 -1.62
N GLU A 443 -43.41 9.54 -2.02
CA GLU A 443 -42.03 9.17 -1.75
C GLU A 443 -41.44 8.61 -3.02
N LEU A 444 -41.49 9.44 -4.07
CA LEU A 444 -41.08 8.99 -5.39
C LEU A 444 -39.63 9.34 -5.69
N LEU A 445 -38.85 9.76 -4.68
CA LEU A 445 -37.50 10.26 -4.89
C LEU A 445 -36.45 9.16 -4.89
N GLY A 446 -35.49 9.28 -5.79
CA GLY A 446 -34.29 8.48 -5.76
C GLY A 446 -33.14 9.24 -5.11
N SER A 447 -31.95 8.61 -5.16
CA SER A 447 -30.74 9.19 -4.61
C SER A 447 -30.30 10.45 -5.34
N PHE A 448 -30.69 10.58 -6.61
CA PHE A 448 -30.49 11.79 -7.39
C PHE A 448 -31.79 12.62 -7.45
N ALA A 449 -32.65 12.51 -6.42
CA ALA A 449 -33.96 13.18 -6.35
C ALA A 449 -34.92 12.71 -7.43
N ASP A 450 -34.77 13.23 -8.64
CA ASP A 450 -35.78 13.03 -9.67
C ASP A 450 -35.55 11.81 -10.55
N ASN A 451 -34.56 10.96 -10.24
CA ASN A 451 -34.19 9.85 -11.13
C ASN A 451 -35.15 8.68 -11.08
N GLU A 452 -36.26 8.76 -10.33
CA GLU A 452 -37.34 7.79 -10.48
C GLU A 452 -38.51 8.37 -11.24
N LEU A 453 -38.36 9.59 -11.77
CA LEU A 453 -39.43 10.27 -12.51
C LEU A 453 -40.53 10.79 -11.58
N SER A 454 -40.17 11.10 -10.34
CA SER A 454 -41.12 11.81 -9.47
C SER A 454 -41.72 13.03 -10.16
N PRO A 455 -40.97 13.84 -10.90
CA PRO A 455 -41.63 14.99 -11.56
C PRO A 455 -42.75 14.58 -12.51
N GLU A 456 -42.47 13.58 -13.37
CA GLU A 456 -43.47 13.10 -14.33
C GLU A 456 -44.72 12.54 -13.63
N CYS A 457 -44.51 11.79 -12.55
CA CYS A 457 -45.65 11.21 -11.85
C CYS A 457 -46.47 12.28 -11.17
N LEU A 458 -45.83 13.24 -10.50
CA LEU A 458 -46.61 14.26 -9.83
C LEU A 458 -47.27 15.19 -10.84
N ASP A 459 -46.62 15.46 -11.98
CA ASP A 459 -47.28 16.25 -13.02
C ASP A 459 -48.61 15.61 -13.40
N GLY A 460 -48.60 14.30 -13.60
CA GLY A 460 -49.79 13.60 -14.07
C GLY A 460 -50.85 13.43 -13.01
N ALA A 461 -50.49 13.58 -11.73
CA ALA A 461 -51.44 13.55 -10.64
C ALA A 461 -52.02 14.93 -10.35
N GLN A 462 -51.33 15.97 -10.83
CA GLN A 462 -51.62 17.34 -10.42
C GLN A 462 -53.09 17.71 -10.64
N HIS A 463 -53.68 17.24 -11.74
CA HIS A 463 -55.04 17.63 -12.05
C HIS A 463 -56.01 17.35 -10.91
N PHE A 464 -55.73 16.39 -10.03
CA PHE A 464 -56.67 16.18 -8.94
C PHE A 464 -56.22 16.78 -7.62
N LEU A 465 -55.21 17.66 -7.63
CA LEU A 465 -54.89 18.48 -6.47
C LEU A 465 -55.76 19.73 -6.48
N LYS A 466 -56.42 20.01 -5.37
CA LYS A 466 -57.15 21.27 -5.24
C LYS A 466 -56.33 22.46 -5.71
N ASP A 467 -57.04 23.52 -6.12
CA ASP A 467 -56.37 24.74 -6.57
C ASP A 467 -55.40 25.32 -5.55
N ASP A 468 -55.67 25.11 -4.26
CA ASP A 468 -54.80 25.59 -3.20
C ASP A 468 -54.10 24.44 -2.48
N GLY A 469 -54.08 23.26 -3.09
CA GLY A 469 -53.55 22.10 -2.42
C GLY A 469 -52.03 22.13 -2.32
N VAL A 470 -51.53 21.28 -1.41
CA VAL A 470 -50.12 21.17 -1.06
C VAL A 470 -49.62 19.79 -1.50
N SER A 471 -48.45 19.77 -2.14
CA SER A 471 -47.69 18.54 -2.38
C SER A 471 -46.60 18.41 -1.33
N ILE A 472 -46.51 17.25 -0.70
CA ILE A 472 -45.44 16.90 0.21
C ILE A 472 -44.72 15.69 -0.39
N PRO A 473 -43.48 15.85 -0.90
CA PRO A 473 -42.61 17.04 -0.88
C PRO A 473 -43.08 18.22 -1.76
N GLY A 474 -42.75 19.44 -1.35
CA GLY A 474 -42.98 20.61 -2.17
C GLY A 474 -41.91 20.91 -3.20
N GLU A 475 -40.70 20.40 -3.00
CA GLU A 475 -39.63 20.64 -3.96
C GLU A 475 -38.46 19.73 -3.61
N TYR A 476 -37.58 19.50 -4.60
CA TYR A 476 -36.33 18.80 -4.34
C TYR A 476 -35.25 19.28 -5.31
N THR A 477 -34.02 19.06 -4.89
CA THR A 477 -32.84 19.51 -5.61
C THR A 477 -31.81 18.40 -5.57
N SER A 478 -31.32 18.00 -6.75
CA SER A 478 -30.17 17.12 -6.80
C SER A 478 -28.87 17.93 -6.64
N PHE A 479 -27.81 17.25 -6.21
CA PHE A 479 -26.50 17.87 -6.00
C PHE A 479 -25.40 16.99 -6.61
N LEU A 480 -24.34 17.62 -7.09
CA LEU A 480 -23.22 16.89 -7.66
C LEU A 480 -21.93 17.39 -7.05
N ALA A 481 -20.91 16.52 -7.09
CA ALA A 481 -19.59 16.76 -6.57
C ALA A 481 -18.60 15.84 -7.30
N PRO A 482 -17.53 16.39 -7.88
CA PRO A 482 -16.53 15.53 -8.53
C PRO A 482 -15.79 14.73 -7.47
N ILE A 483 -15.43 13.49 -7.82
CA ILE A 483 -14.69 12.63 -6.89
C ILE A 483 -13.54 11.93 -7.58
N SER A 484 -12.55 11.59 -6.77
CA SER A 484 -11.48 10.69 -7.15
C SER A 484 -11.68 9.36 -6.44
N SER A 485 -11.57 8.28 -7.18
CA SER A 485 -11.56 6.95 -6.59
C SER A 485 -11.14 5.93 -7.62
N SER A 486 -9.85 5.63 -7.66
CA SER A 486 -9.38 4.58 -8.54
C SER A 486 -10.01 3.24 -8.18
N LYS A 487 -10.30 3.03 -6.90
CA LYS A 487 -11.00 1.79 -6.54
C LYS A 487 -12.37 1.71 -7.23
N LEU A 488 -13.17 2.77 -7.14
CA LEU A 488 -14.51 2.72 -7.72
C LEU A 488 -14.45 2.65 -9.23
N TYR A 489 -13.55 3.42 -9.83
CA TYR A 489 -13.34 3.35 -11.27
C TYR A 489 -13.08 1.90 -11.70
N ASN A 490 -12.24 1.16 -10.95
CA ASN A 490 -11.96 -0.21 -11.34
C ASN A 490 -13.17 -1.11 -11.16
N GLU A 491 -13.99 -0.86 -10.13
CA GLU A 491 -15.21 -1.62 -9.93
C GLU A 491 -16.19 -1.41 -11.09
N VAL A 492 -16.36 -0.17 -11.53
CA VAL A 492 -17.23 0.08 -12.67
C VAL A 492 -16.68 -0.63 -13.89
N ARG A 493 -15.37 -0.46 -14.13
CA ARG A 493 -14.71 -1.09 -15.26
C ARG A 493 -14.98 -2.58 -15.30
N ALA A 494 -14.98 -3.23 -14.15
CA ALA A 494 -15.19 -4.66 -14.13
C ALA A 494 -16.63 -5.04 -14.43
N CYS A 495 -17.52 -4.09 -14.70
CA CYS A 495 -18.91 -4.42 -14.99
C CYS A 495 -19.16 -4.60 -16.46
N ARG A 496 -18.19 -5.06 -17.23
CA ARG A 496 -18.44 -5.37 -18.63
C ARG A 496 -19.32 -6.61 -18.74
N GLU A 497 -20.27 -6.58 -19.67
CA GLU A 497 -21.21 -7.68 -19.87
C GLU A 497 -21.21 -8.14 -21.31
N LYS A 498 -21.63 -9.40 -21.50
CA LYS A 498 -21.35 -10.14 -22.72
C LYS A 498 -21.91 -9.47 -23.97
N ASP A 499 -23.15 -9.01 -23.95
CA ASP A 499 -23.83 -8.77 -25.21
C ASP A 499 -24.31 -7.33 -25.32
N ARG A 500 -23.44 -6.41 -24.92
CA ARG A 500 -23.71 -4.99 -24.99
C ARG A 500 -22.40 -4.25 -25.27
N ASP A 501 -22.55 -2.97 -25.52
CA ASP A 501 -21.44 -2.06 -25.65
C ASP A 501 -20.40 -2.40 -24.60
N PRO A 502 -19.14 -2.64 -24.99
CA PRO A 502 -18.11 -2.96 -23.98
C PRO A 502 -17.83 -1.81 -23.02
N GLU A 503 -18.38 -0.62 -23.27
CA GLU A 503 -18.19 0.54 -22.39
C GLU A 503 -19.47 1.02 -21.71
N ALA A 504 -20.58 0.31 -21.88
CA ALA A 504 -21.88 0.77 -21.38
C ALA A 504 -21.87 0.94 -19.87
N GLN A 505 -21.11 0.12 -19.15
CA GLN A 505 -21.03 0.26 -17.69
C GLN A 505 -20.58 1.67 -17.26
N PHE A 506 -19.90 2.42 -18.13
CA PHE A 506 -19.48 3.75 -17.70
C PHE A 506 -20.54 4.81 -17.97
N GLU A 507 -21.59 4.44 -18.71
CA GLU A 507 -22.63 5.37 -19.13
C GLU A 507 -23.92 5.18 -18.36
N MET A 508 -23.81 4.82 -17.08
CA MET A 508 -24.98 4.58 -16.28
C MET A 508 -24.62 4.86 -14.81
N PRO A 509 -25.56 5.39 -14.03
CA PRO A 509 -25.29 5.68 -12.62
C PRO A 509 -25.43 4.42 -11.76
N TYR A 510 -24.84 4.48 -10.56
CA TYR A 510 -24.92 3.40 -9.58
C TYR A 510 -25.25 3.98 -8.21
N VAL A 511 -26.12 3.31 -7.47
CA VAL A 511 -26.29 3.65 -6.07
C VAL A 511 -25.19 2.92 -5.29
N VAL A 512 -24.44 3.67 -4.48
CA VAL A 512 -23.34 3.07 -3.75
C VAL A 512 -23.05 3.91 -2.52
N ARG A 513 -22.83 3.22 -1.40
CA ARG A 513 -22.30 3.81 -0.19
C ARG A 513 -20.83 4.15 -0.45
N LEU A 514 -20.59 5.32 -1.09
CA LEU A 514 -19.21 5.76 -1.38
C LEU A 514 -18.38 5.75 -0.12
N HIS A 515 -17.22 5.10 -0.19
CA HIS A 515 -16.39 4.90 1.01
C HIS A 515 -14.90 5.20 0.75
N ASN A 516 -14.24 4.44 -0.12
CA ASN A 516 -12.84 4.72 -0.44
C ASN A 516 -12.79 5.70 -1.60
N PHE A 517 -12.83 7.01 -1.28
CA PHE A 517 -12.91 8.02 -2.32
C PHE A 517 -12.48 9.38 -1.75
N HIS A 518 -12.24 10.31 -2.64
CA HIS A 518 -11.85 11.68 -2.29
C HIS A 518 -12.85 12.62 -3.00
N GLN A 519 -13.63 13.35 -2.21
CA GLN A 519 -14.45 14.40 -2.78
C GLN A 519 -13.59 15.62 -3.12
N LEU A 520 -13.68 16.10 -4.36
CA LEU A 520 -12.74 17.07 -4.93
C LEU A 520 -13.19 18.52 -4.84
N SER A 521 -14.49 18.76 -4.61
CA SER A 521 -15.02 20.12 -4.51
C SER A 521 -16.40 20.01 -3.86
N ALA A 522 -16.86 21.10 -3.27
CA ALA A 522 -18.11 21.04 -2.50
C ALA A 522 -19.29 20.71 -3.42
N PRO A 523 -20.23 19.88 -2.97
CA PRO A 523 -21.41 19.59 -3.80
C PRO A 523 -22.14 20.86 -4.23
N GLN A 524 -22.58 20.89 -5.48
CA GLN A 524 -23.33 22.01 -6.00
C GLN A 524 -24.68 21.54 -6.56
N PRO A 525 -25.71 22.38 -6.44
CA PRO A 525 -27.05 21.97 -6.89
C PRO A 525 -27.06 21.77 -8.40
N CYS A 526 -27.84 20.78 -8.84
CA CYS A 526 -27.87 20.42 -10.25
C CYS A 526 -29.26 20.72 -10.82
N PHE A 527 -30.25 19.88 -10.53
CA PHE A 527 -31.62 20.02 -11.04
C PHE A 527 -32.58 20.22 -9.88
N THR A 528 -33.56 21.13 -10.05
CA THR A 528 -34.60 21.37 -9.04
C THR A 528 -36.00 21.27 -9.63
N PHE A 529 -36.93 20.76 -8.83
CA PHE A 529 -38.31 20.58 -9.24
C PHE A 529 -39.23 21.03 -8.10
N SER A 530 -40.34 21.68 -8.47
CA SER A 530 -41.35 22.15 -7.52
C SER A 530 -42.74 21.61 -7.85
N HIS A 531 -43.51 21.26 -6.82
CA HIS A 531 -44.87 20.76 -6.95
C HIS A 531 -45.80 21.46 -5.96
N PRO A 532 -47.01 21.84 -6.38
CA PRO A 532 -47.52 21.64 -7.74
C PRO A 532 -46.75 22.55 -8.69
N ASN A 533 -46.70 22.20 -9.96
CA ASN A 533 -46.00 23.01 -10.95
C ASN A 533 -47.05 23.87 -11.64
N ARG A 534 -47.25 25.08 -11.10
CA ARG A 534 -48.30 25.94 -11.60
C ARG A 534 -48.07 26.31 -13.06
N ASP A 535 -46.81 26.52 -13.44
CA ASP A 535 -46.33 26.94 -14.76
C ASP A 535 -47.17 26.39 -15.91
N PRO A 536 -47.55 27.23 -16.89
CA PRO A 536 -48.42 26.73 -17.98
C PRO A 536 -47.68 25.90 -19.01
N MET A 537 -46.36 26.00 -19.08
CA MET A 537 -45.53 25.29 -20.04
C MET A 537 -44.56 24.40 -19.27
N ILE A 538 -44.98 23.19 -18.93
CA ILE A 538 -44.15 22.28 -18.13
C ILE A 538 -43.12 21.63 -19.03
N ASP A 539 -41.84 21.85 -18.74
CA ASP A 539 -40.78 21.09 -19.38
C ASP A 539 -39.83 20.54 -18.32
N ASN A 540 -39.81 19.21 -18.18
CA ASN A 540 -38.96 18.56 -17.18
C ASN A 540 -37.54 18.26 -17.68
N ASN A 541 -37.25 18.51 -18.94
CA ASN A 541 -35.86 18.46 -19.37
C ASN A 541 -35.03 19.56 -18.70
N ARG A 542 -33.71 19.33 -18.67
CA ARG A 542 -32.80 20.21 -17.95
C ARG A 542 -31.42 20.16 -18.59
N TYR A 543 -30.71 21.31 -18.50
CA TYR A 543 -29.33 21.45 -18.96
C TYR A 543 -28.63 22.37 -17.96
N CYS A 544 -27.63 21.83 -17.27
CA CYS A 544 -26.93 22.51 -16.19
C CYS A 544 -25.42 22.44 -16.42
N THR A 545 -24.73 23.58 -16.22
CA THR A 545 -23.27 23.65 -16.28
C THR A 545 -22.71 23.97 -14.91
N LEU A 546 -21.79 23.14 -14.40
CA LEU A 546 -21.20 23.35 -13.08
C LEU A 546 -19.69 23.54 -13.16
N GLU A 547 -19.16 24.43 -12.31
CA GLU A 547 -17.73 24.69 -12.24
C GLU A 547 -17.25 24.42 -10.82
N PHE A 548 -16.38 23.44 -10.69
CA PHE A 548 -15.90 22.97 -9.40
C PHE A 548 -14.47 23.39 -9.16
N PRO A 549 -14.19 24.33 -8.25
CA PRO A 549 -12.79 24.64 -7.94
C PRO A 549 -12.14 23.46 -7.26
N VAL A 550 -10.96 23.09 -7.73
CA VAL A 550 -10.21 21.95 -7.18
C VAL A 550 -8.87 22.49 -6.70
N GLU A 551 -8.60 22.32 -5.41
CA GLU A 551 -7.39 22.82 -4.77
C GLU A 551 -6.36 21.72 -4.51
N VAL A 552 -6.47 20.56 -5.18
CA VAL A 552 -5.49 19.49 -5.03
C VAL A 552 -5.06 18.97 -6.40
N ASN A 553 -3.88 18.34 -6.44
CA ASN A 553 -3.54 17.45 -7.55
C ASN A 553 -4.30 16.14 -7.38
N THR A 554 -4.91 15.64 -8.46
CA THR A 554 -5.80 14.48 -8.29
C THR A 554 -6.12 13.83 -9.63
N VAL A 555 -7.00 12.84 -9.59
CA VAL A 555 -7.55 12.21 -10.79
C VAL A 555 -9.06 12.07 -10.64
N LEU A 556 -9.80 12.63 -11.61
CA LEU A 556 -11.25 12.58 -11.61
C LEU A 556 -11.75 11.26 -12.20
N HIS A 557 -12.67 10.60 -11.49
CA HIS A 557 -13.26 9.36 -11.97
C HIS A 557 -14.78 9.36 -12.14
N GLY A 558 -15.49 10.36 -11.63
CA GLY A 558 -16.94 10.39 -11.68
C GLY A 558 -17.46 11.51 -10.78
N PHE A 559 -18.78 11.54 -10.63
CA PHE A 559 -19.44 12.56 -9.83
C PHE A 559 -20.38 11.87 -8.86
N ALA A 560 -20.22 12.18 -7.58
CA ALA A 560 -21.19 11.76 -6.57
C ALA A 560 -22.46 12.61 -6.70
N GLY A 561 -23.61 11.97 -6.52
CA GLY A 561 -24.89 12.67 -6.56
C GLY A 561 -25.64 12.49 -5.26
N TYR A 562 -26.27 13.57 -4.80
CA TYR A 562 -27.13 13.50 -3.62
C TYR A 562 -28.40 14.31 -3.90
N PHE A 563 -29.23 14.46 -2.88
CA PHE A 563 -30.42 15.28 -3.06
C PHE A 563 -30.82 15.89 -1.74
N GLU A 564 -31.57 16.99 -1.83
CA GLU A 564 -32.35 17.49 -0.70
C GLU A 564 -33.80 17.67 -1.14
N THR A 565 -34.70 17.60 -0.18
CA THR A 565 -36.10 17.79 -0.50
C THR A 565 -36.74 18.52 0.66
N VAL A 566 -37.61 19.47 0.32
CA VAL A 566 -38.47 20.11 1.30
C VAL A 566 -39.76 19.32 1.33
N LEU A 567 -40.03 18.66 2.46
CA LEU A 567 -41.34 18.03 2.65
C LEU A 567 -42.42 19.08 2.90
N TYR A 568 -42.18 19.98 3.85
CA TYR A 568 -43.08 21.10 4.12
C TYR A 568 -42.33 22.14 4.93
N GLN A 569 -42.20 23.34 4.37
CA GLN A 569 -41.64 24.46 5.13
C GLN A 569 -40.20 24.18 5.54
N ASP A 570 -39.94 24.00 6.84
CA ASP A 570 -38.59 23.72 7.32
C ASP A 570 -38.35 22.24 7.57
N ILE A 571 -39.34 21.38 7.33
CA ILE A 571 -39.18 19.94 7.50
C ILE A 571 -38.59 19.40 6.21
N THR A 572 -37.40 18.83 6.29
CA THR A 572 -36.68 18.41 5.11
C THR A 572 -36.19 16.97 5.24
N LEU A 573 -35.85 16.39 4.10
CA LEU A 573 -35.01 15.20 4.02
C LEU A 573 -33.78 15.53 3.19
N SER A 574 -32.64 14.97 3.58
CA SER A 574 -31.40 15.28 2.87
C SER A 574 -30.36 14.16 3.03
N ILE A 575 -29.73 13.76 1.92
CA ILE A 575 -28.52 12.95 1.97
C ILE A 575 -27.29 13.72 1.48
N ARG A 576 -27.41 15.02 1.19
CA ARG A 576 -26.24 15.82 0.90
C ARG A 576 -25.39 15.88 2.16
N PRO A 577 -24.09 15.57 2.08
CA PRO A 577 -23.32 15.40 3.33
C PRO A 577 -23.42 16.59 4.28
N GLU A 578 -23.22 17.82 3.81
CA GLU A 578 -23.23 18.95 4.75
C GLU A 578 -24.60 19.22 5.36
N THR A 579 -25.71 18.63 4.86
CA THR A 579 -27.02 18.80 5.49
C THR A 579 -27.73 17.46 5.72
N HIS A 580 -27.00 16.35 5.68
CA HIS A 580 -27.57 15.02 5.91
C HIS A 580 -28.54 15.06 7.08
N SER A 581 -29.79 14.61 6.85
CA SER A 581 -30.73 14.52 7.98
C SER A 581 -30.12 13.56 8.99
N PRO A 582 -29.85 13.99 10.22
CA PRO A 582 -29.17 13.09 11.16
C PRO A 582 -30.03 11.88 11.50
N GLY A 583 -29.39 10.71 11.51
CA GLY A 583 -30.03 9.49 11.93
C GLY A 583 -30.88 8.78 10.89
N MET A 584 -30.96 9.30 9.67
CA MET A 584 -31.77 8.71 8.61
C MET A 584 -30.94 7.72 7.79
N PHE A 585 -31.44 6.49 7.66
CA PHE A 585 -30.68 5.45 6.96
C PHE A 585 -30.91 5.44 5.45
N SER A 586 -32.06 5.95 4.98
CA SER A 586 -32.49 5.68 3.62
C SER A 586 -31.69 6.48 2.61
N TRP A 587 -31.41 5.85 1.48
CA TRP A 587 -30.75 6.45 0.33
C TRP A 587 -29.24 6.60 0.48
N PHE A 588 -28.48 5.73 -0.17
CA PHE A 588 -27.07 5.96 -0.39
C PHE A 588 -26.89 6.94 -1.54
N PRO A 589 -25.69 7.51 -1.65
CA PRO A 589 -25.36 8.33 -2.82
C PRO A 589 -25.46 7.56 -4.13
N ILE A 590 -25.47 8.32 -5.21
CA ILE A 590 -25.40 7.77 -6.55
C ILE A 590 -24.05 8.18 -7.13
N LEU A 591 -23.62 7.45 -8.17
CA LEU A 591 -22.33 7.69 -8.80
C LEU A 591 -22.51 7.70 -10.31
N PHE A 592 -22.12 8.80 -10.94
CA PHE A 592 -21.93 8.88 -12.38
C PHE A 592 -20.44 8.72 -12.69
N PRO A 593 -20.05 7.64 -13.37
CA PRO A 593 -18.63 7.47 -13.76
C PRO A 593 -18.39 8.22 -15.05
N ILE A 594 -17.09 8.36 -15.38
CA ILE A 594 -16.69 8.74 -16.73
C ILE A 594 -15.77 7.65 -17.28
N LYS A 595 -15.77 7.49 -18.61
CA LYS A 595 -15.05 6.37 -19.23
C LYS A 595 -13.54 6.43 -18.96
N GLN A 596 -12.95 7.64 -19.01
CA GLN A 596 -11.49 7.83 -18.94
C GLN A 596 -11.12 8.76 -17.79
N PRO A 597 -10.34 8.29 -16.83
CA PRO A 597 -9.83 9.20 -15.78
C PRO A 597 -9.26 10.49 -16.36
N ILE A 598 -9.45 11.60 -15.66
CA ILE A 598 -8.98 12.89 -16.13
C ILE A 598 -8.08 13.48 -15.06
N THR A 599 -6.83 13.79 -15.44
CA THR A 599 -5.88 14.37 -14.52
C THR A 599 -6.26 15.81 -14.21
N VAL A 600 -6.22 16.19 -12.93
CA VAL A 600 -6.57 17.56 -12.51
C VAL A 600 -5.46 18.07 -11.59
N ARG A 601 -4.87 19.23 -11.93
CA ARG A 601 -3.85 19.87 -11.12
C ARG A 601 -4.46 20.84 -10.10
N GLU A 602 -3.69 21.09 -9.05
CA GLU A 602 -4.07 22.07 -8.04
C GLU A 602 -4.40 23.40 -8.68
N GLY A 603 -5.52 24.00 -8.25
CA GLY A 603 -5.94 25.29 -8.78
C GLY A 603 -6.74 25.23 -10.07
N GLN A 604 -6.94 24.05 -10.64
CA GLN A 604 -7.76 23.99 -11.83
C GLN A 604 -9.24 23.89 -11.46
N THR A 605 -10.09 24.16 -12.44
CA THR A 605 -11.52 24.02 -12.29
C THR A 605 -12.02 22.82 -13.09
N ILE A 606 -12.88 22.02 -12.47
CA ILE A 606 -13.56 20.94 -13.19
C ILE A 606 -14.88 21.51 -13.68
N CYS A 607 -15.08 21.52 -14.99
CA CYS A 607 -16.36 21.93 -15.55
C CYS A 607 -17.10 20.68 -16.01
N VAL A 608 -18.30 20.44 -15.46
CA VAL A 608 -19.14 19.34 -15.91
C VAL A 608 -20.49 19.86 -16.40
N ARG A 609 -21.07 19.11 -17.30
CA ARG A 609 -22.34 19.42 -17.93
C ARG A 609 -23.26 18.24 -17.72
N PHE A 610 -24.48 18.48 -17.24
CA PHE A 610 -25.48 17.43 -17.07
C PHE A 610 -26.72 17.84 -17.81
N TRP A 611 -27.32 16.88 -18.52
CA TRP A 611 -28.64 17.04 -19.16
C TRP A 611 -29.63 16.03 -18.59
N ARG A 612 -30.86 16.49 -18.40
CA ARG A 612 -32.00 15.60 -18.19
C ARG A 612 -32.80 15.61 -19.48
N CYS A 613 -32.97 14.44 -20.05
CA CYS A 613 -33.46 14.24 -21.41
C CYS A 613 -34.67 13.30 -21.34
N SER A 614 -35.56 13.43 -22.32
CA SER A 614 -36.78 12.65 -22.30
C SER A 614 -37.32 12.44 -23.71
N ASN A 615 -38.09 11.36 -23.87
CA ASN A 615 -39.13 11.32 -24.90
C ASN A 615 -40.41 10.83 -24.21
N SER A 616 -41.41 10.41 -25.00
CA SER A 616 -42.65 9.94 -24.41
C SER A 616 -42.50 8.60 -23.69
N LYS A 617 -41.43 7.84 -23.93
CA LYS A 617 -41.32 6.53 -23.29
C LYS A 617 -40.32 6.47 -22.15
N LYS A 618 -39.30 7.34 -22.15
CA LYS A 618 -38.10 7.20 -21.32
C LYS A 618 -37.57 8.58 -20.98
N VAL A 619 -36.94 8.67 -19.81
CA VAL A 619 -36.14 9.81 -19.37
C VAL A 619 -34.73 9.30 -19.12
N TRP A 620 -33.75 10.17 -19.27
CA TRP A 620 -32.38 9.73 -18.99
C TRP A 620 -31.53 10.96 -18.70
N TYR A 621 -30.30 10.70 -18.29
CA TYR A 621 -29.27 11.72 -18.10
C TYR A 621 -28.17 11.51 -19.14
N GLU A 622 -27.60 12.63 -19.57
CA GLU A 622 -26.34 12.63 -20.29
C GLU A 622 -25.45 13.59 -19.53
N TRP A 623 -24.13 13.42 -19.69
CA TRP A 623 -23.16 14.20 -18.92
C TRP A 623 -21.85 14.25 -19.69
N ALA A 624 -21.06 15.29 -19.39
CA ALA A 624 -19.78 15.51 -20.08
C ALA A 624 -18.91 16.44 -19.25
N VAL A 625 -17.62 16.11 -19.18
CA VAL A 625 -16.63 17.04 -18.66
C VAL A 625 -16.12 17.93 -19.80
N THR A 626 -16.04 19.24 -19.55
CA THR A 626 -15.52 20.14 -20.57
C THR A 626 -14.29 20.94 -20.11
N ALA A 627 -13.89 20.87 -18.84
CA ALA A 627 -12.64 21.43 -18.33
C ALA A 627 -12.18 20.57 -17.17
N PRO A 628 -10.84 20.42 -16.97
CA PRO A 628 -9.74 21.01 -17.74
C PRO A 628 -9.52 20.38 -19.13
N VAL A 629 -10.13 19.21 -19.41
CA VAL A 629 -10.22 18.65 -20.75
C VAL A 629 -11.65 18.18 -20.98
N CYS A 630 -12.02 17.95 -22.26
CA CYS A 630 -13.35 17.40 -22.56
C CYS A 630 -13.33 15.87 -22.49
N SER A 631 -14.39 15.32 -21.92
CA SER A 631 -14.65 13.91 -22.12
C SER A 631 -15.56 13.75 -23.33
N ALA A 632 -15.85 12.50 -23.65
CA ALA A 632 -16.97 12.19 -24.52
C ALA A 632 -18.28 12.55 -23.81
N ILE A 633 -19.32 12.86 -24.58
CA ILE A 633 -20.66 12.93 -23.99
C ILE A 633 -21.08 11.52 -23.57
N HIS A 634 -21.42 11.35 -22.29
CA HIS A 634 -21.80 10.04 -21.78
C HIS A 634 -23.31 9.83 -21.87
N ASN A 635 -23.71 8.60 -22.30
CA ASN A 635 -25.07 8.08 -22.46
C ASN A 635 -25.83 8.90 -23.50
N PRO A 636 -25.25 9.20 -24.67
CA PRO A 636 -26.02 9.96 -25.67
C PRO A 636 -27.26 9.17 -26.08
N THR A 637 -28.39 9.87 -26.15
CA THR A 637 -29.66 9.29 -26.59
C THR A 637 -30.13 8.14 -25.70
N GLY A 638 -29.69 8.09 -24.44
CA GLY A 638 -30.05 6.96 -23.58
C GLY A 638 -29.49 5.63 -24.04
N ARG A 639 -28.45 5.59 -24.89
CA ARG A 639 -28.07 4.31 -25.51
C ARG A 639 -27.64 3.28 -24.47
N SER A 640 -27.13 3.70 -23.32
CA SER A 640 -26.68 2.74 -22.32
C SER A 640 -27.62 2.64 -21.15
N TYR A 641 -28.44 3.65 -20.94
CA TYR A 641 -29.18 3.73 -19.69
C TYR A 641 -30.40 4.61 -19.89
N THR A 642 -31.61 4.06 -19.63
CA THR A 642 -32.83 4.87 -19.62
C THR A 642 -33.69 4.52 -18.41
N ILE A 643 -34.59 5.44 -18.07
CA ILE A 643 -35.54 5.26 -16.98
C ILE A 643 -36.92 5.23 -17.63
N GLY A 644 -37.62 4.12 -17.45
CA GLY A 644 -38.90 3.91 -18.17
C GLY A 644 -40.02 4.73 -17.54
N LEU A 645 -40.80 5.37 -18.41
CA LEU A 645 -42.02 6.07 -18.04
C LEU A 645 -43.22 5.11 -17.99
N LEU B 27 37.13 -31.80 14.50
CA LEU B 27 35.84 -31.96 15.15
C LEU B 27 35.82 -31.38 16.57
N PRO B 28 36.33 -30.17 16.77
CA PRO B 28 36.48 -29.62 18.13
C PRO B 28 35.13 -29.35 18.77
N PRO B 29 35.11 -28.96 20.05
CA PRO B 29 33.85 -28.90 20.80
C PRO B 29 32.88 -27.84 20.29
N ASN B 30 31.58 -28.11 20.49
CA ASN B 30 30.50 -27.19 20.09
C ASN B 30 30.73 -26.62 18.69
N ALA B 31 31.29 -27.45 17.81
CA ALA B 31 31.61 -27.10 16.43
C ALA B 31 30.75 -27.93 15.50
N PRO B 32 29.94 -27.32 14.64
CA PRO B 32 29.01 -28.09 13.82
C PRO B 32 29.72 -29.08 12.91
N ALA B 33 29.15 -30.28 12.80
CA ALA B 33 29.74 -31.33 11.97
C ALA B 33 29.89 -30.89 10.52
N CYS B 34 28.93 -30.14 10.00
CA CYS B 34 28.94 -29.72 8.60
C CYS B 34 28.95 -28.20 8.50
N MET B 35 29.83 -27.68 7.65
CA MET B 35 29.88 -26.27 7.34
C MET B 35 28.99 -25.96 6.15
N GLU B 36 28.34 -24.80 6.18
CA GLU B 36 27.36 -24.47 5.16
C GLU B 36 28.02 -24.25 3.80
N ARG B 37 27.23 -24.43 2.74
CA ARG B 37 27.79 -24.43 1.39
C ARG B 37 28.41 -23.06 1.03
N GLN B 38 27.67 -21.96 1.28
CA GLN B 38 28.00 -20.65 0.70
C GLN B 38 29.01 -19.89 1.55
N LEU B 39 30.29 -20.05 1.21
CA LEU B 39 31.37 -19.36 1.91
C LEU B 39 31.34 -17.87 1.60
N GLU B 40 31.29 -17.03 2.65
CA GLU B 40 31.11 -15.60 2.46
C GLU B 40 32.33 -14.75 2.80
N ALA B 41 33.25 -15.25 3.64
CA ALA B 41 34.31 -14.42 4.16
C ALA B 41 35.51 -15.29 4.50
N ALA B 42 36.72 -14.78 4.21
CA ALA B 42 37.97 -15.43 4.59
C ALA B 42 39.00 -14.36 4.92
N ARG B 43 39.56 -14.40 6.14
CA ARG B 43 40.50 -13.37 6.59
C ARG B 43 41.62 -13.98 7.43
N TYR B 44 42.86 -13.75 7.03
CA TYR B 44 44.01 -14.13 7.87
C TYR B 44 44.21 -13.15 9.01
N ARG B 45 44.67 -13.65 10.16
CA ARG B 45 45.18 -12.80 11.23
C ARG B 45 46.70 -12.86 11.23
N SER B 46 47.31 -12.18 12.20
CA SER B 46 48.76 -11.99 12.22
C SER B 46 49.51 -13.30 12.04
N ASP B 47 49.29 -14.23 12.96
CA ASP B 47 50.05 -15.48 12.95
C ASP B 47 49.70 -16.38 11.78
N GLY B 48 48.65 -16.06 11.02
CA GLY B 48 48.31 -16.81 9.83
C GLY B 48 47.20 -17.84 9.97
N ALA B 49 46.54 -17.92 11.12
CA ALA B 49 45.29 -18.66 11.23
C ALA B 49 44.23 -17.99 10.36
N LEU B 50 43.41 -18.82 9.69
CA LEU B 50 42.42 -18.36 8.72
C LEU B 50 41.02 -18.39 9.32
N LEU B 51 40.33 -17.25 9.26
CA LEU B 51 38.96 -17.15 9.73
C LEU B 51 38.02 -17.35 8.54
N LEU B 52 37.01 -18.20 8.71
CA LEU B 52 36.00 -18.43 7.68
C LEU B 52 34.63 -18.06 8.20
N GLY B 53 33.82 -17.47 7.33
CA GLY B 53 32.41 -17.27 7.58
C GLY B 53 31.59 -17.91 6.48
N ALA B 54 30.52 -18.61 6.85
CA ALA B 54 29.70 -19.33 5.90
C ALA B 54 28.22 -19.06 6.14
N SER B 55 27.45 -19.15 5.07
CA SER B 55 26.00 -19.04 5.14
C SER B 55 25.42 -20.24 4.41
N SER B 56 24.33 -20.76 4.96
CA SER B 56 23.42 -21.60 4.21
C SER B 56 22.40 -20.69 3.54
N LEU B 57 22.55 -20.46 2.23
CA LEU B 57 21.61 -19.62 1.49
C LEU B 57 20.50 -20.41 0.76
N SER B 58 20.44 -21.73 0.94
CA SER B 58 19.30 -22.46 0.40
C SER B 58 19.04 -23.68 1.29
N GLY B 59 18.06 -24.49 0.91
CA GLY B 59 17.72 -25.66 1.71
C GLY B 59 16.82 -25.29 2.86
N ARG B 60 16.68 -26.24 3.79
CA ARG B 60 15.71 -26.11 4.87
C ARG B 60 16.06 -24.99 5.84
N CYS B 61 17.31 -24.96 6.30
N CYS B 61 17.31 -24.98 6.32
CA CYS B 61 17.77 -24.04 7.34
CA CYS B 61 17.76 -24.04 7.34
C CYS B 61 18.69 -23.00 6.72
C CYS B 61 18.67 -23.01 6.71
N TRP B 62 18.39 -21.73 6.98
CA TRP B 62 19.15 -20.60 6.49
C TRP B 62 19.93 -20.01 7.67
N ALA B 63 21.07 -20.62 7.97
CA ALA B 63 21.84 -20.17 9.12
C ALA B 63 23.27 -19.78 8.70
N GLY B 64 24.22 -19.84 9.62
CA GLY B 64 25.58 -19.46 9.31
C GLY B 64 26.47 -20.06 10.36
N SER B 65 27.77 -19.87 10.19
CA SER B 65 28.76 -20.47 11.07
C SER B 65 30.07 -19.71 10.93
N LEU B 66 30.94 -19.90 11.92
CA LEU B 66 32.23 -19.23 11.99
C LEU B 66 33.30 -20.29 12.25
N TRP B 67 34.46 -20.15 11.60
CA TRP B 67 35.48 -21.18 11.64
C TRP B 67 36.86 -20.56 11.69
N LEU B 68 37.74 -21.17 12.48
CA LEU B 68 39.16 -20.83 12.53
C LEU B 68 39.98 -22.06 12.11
N PHE B 69 40.80 -21.90 11.08
CA PHE B 69 41.77 -22.92 10.65
C PHE B 69 43.19 -22.41 10.93
N LYS B 70 43.81 -22.93 11.98
CA LYS B 70 45.24 -22.67 12.17
C LYS B 70 46.08 -23.33 11.09
N ASP B 71 45.56 -24.39 10.46
CA ASP B 71 46.10 -24.92 9.21
C ASP B 71 45.17 -24.51 8.07
N PRO B 72 45.52 -23.52 7.25
CA PRO B 72 44.61 -23.07 6.19
C PRO B 72 44.44 -24.07 5.06
N CYS B 73 45.42 -24.97 4.86
CA CYS B 73 45.31 -25.96 3.80
C CYS B 73 44.31 -27.06 4.12
N ALA B 74 43.91 -27.20 5.39
CA ALA B 74 42.83 -28.11 5.75
C ALA B 74 41.43 -27.52 5.49
N ALA B 75 41.32 -26.22 5.26
CA ALA B 75 40.00 -25.62 5.02
C ALA B 75 39.48 -26.00 3.64
N PRO B 76 38.16 -26.11 3.47
CA PRO B 76 37.11 -25.93 4.48
C PRO B 76 36.68 -27.23 5.18
N ASN B 77 37.53 -28.24 5.19
CA ASN B 77 37.19 -29.52 5.83
C ASN B 77 36.99 -29.33 7.34
N GLU B 78 35.76 -29.61 7.82
CA GLU B 78 35.42 -29.30 9.21
C GLU B 78 36.20 -30.16 10.20
N GLY B 79 36.45 -31.42 9.87
CA GLY B 79 37.09 -32.31 10.83
C GLY B 79 38.51 -31.90 11.19
N PHE B 80 39.07 -30.91 10.50
CA PHE B 80 40.45 -30.49 10.72
C PHE B 80 40.54 -28.98 10.97
N CYS B 81 39.50 -28.41 11.57
CA CYS B 81 39.51 -27.02 11.98
C CYS B 81 39.99 -26.88 13.43
N SER B 82 40.48 -25.69 13.74
CA SER B 82 40.84 -25.37 15.12
C SER B 82 39.59 -25.06 15.96
N ALA B 83 38.62 -24.33 15.39
CA ALA B 83 37.41 -23.98 16.12
C ALA B 83 36.28 -23.68 15.15
N GLY B 84 35.05 -23.75 15.67
CA GLY B 84 33.87 -23.48 14.86
C GLY B 84 32.66 -23.25 15.75
N VAL B 85 31.63 -22.63 15.17
CA VAL B 85 30.42 -22.37 15.91
C VAL B 85 29.29 -22.02 14.94
N GLN B 86 28.09 -22.45 15.27
CA GLN B 86 26.90 -22.08 14.51
C GLN B 86 26.44 -20.69 14.95
N THR B 87 25.99 -19.87 13.98
CA THR B 87 25.25 -18.66 14.28
C THR B 87 23.77 -18.87 13.97
N GLU B 88 22.92 -17.96 14.49
CA GLU B 88 21.47 -18.12 14.35
C GLU B 88 21.01 -17.82 12.92
N ALA B 89 21.60 -16.82 12.28
CA ALA B 89 21.29 -16.46 10.90
C ALA B 89 22.56 -16.51 10.05
N GLY B 90 22.44 -16.15 8.76
CA GLY B 90 23.59 -16.19 7.88
C GLY B 90 24.60 -15.08 8.17
N VAL B 91 25.79 -15.28 7.63
CA VAL B 91 26.91 -14.35 7.80
C VAL B 91 26.98 -13.55 6.51
N ALA B 92 26.51 -12.31 6.53
CA ALA B 92 26.66 -11.47 5.33
C ALA B 92 28.07 -10.88 5.24
N ASP B 93 28.75 -10.70 6.35
CA ASP B 93 30.07 -10.07 6.37
C ASP B 93 30.65 -10.30 7.75
N LEU B 94 31.98 -10.21 7.83
CA LEU B 94 32.66 -10.29 9.11
C LEU B 94 34.00 -9.57 8.99
N THR B 95 34.74 -9.55 10.09
CA THR B 95 36.07 -8.96 10.16
C THR B 95 36.65 -9.30 11.52
N TRP B 96 37.96 -9.49 11.56
CA TRP B 96 38.66 -9.64 12.83
C TRP B 96 38.55 -8.37 13.66
N VAL B 97 38.46 -8.53 14.98
CA VAL B 97 38.69 -7.44 15.93
C VAL B 97 39.90 -7.84 16.75
N GLY B 98 41.06 -7.25 16.43
CA GLY B 98 42.29 -7.66 17.08
C GLY B 98 42.67 -9.06 16.63
N GLU B 99 43.12 -9.88 17.58
CA GLU B 99 43.61 -11.21 17.29
C GLU B 99 42.65 -12.33 17.71
N ARG B 100 41.69 -12.04 18.61
CA ARG B 100 40.75 -13.04 19.10
C ARG B 100 39.28 -12.69 18.90
N GLY B 101 38.96 -11.48 18.43
CA GLY B 101 37.58 -11.05 18.24
C GLY B 101 37.12 -11.17 16.79
N ILE B 102 35.84 -11.51 16.63
CA ILE B 102 35.21 -11.67 15.31
C ILE B 102 33.92 -10.85 15.28
N LEU B 103 33.82 -9.93 14.32
CA LEU B 103 32.67 -9.03 14.25
C LEU B 103 31.85 -9.37 13.02
N VAL B 104 30.56 -9.67 13.23
CA VAL B 104 29.73 -10.33 12.22
C VAL B 104 28.54 -9.44 11.87
N ALA B 105 28.34 -9.23 10.56
CA ALA B 105 27.11 -8.68 10.01
C ALA B 105 26.11 -9.80 9.74
N SER B 106 24.98 -9.79 10.45
CA SER B 106 24.03 -10.89 10.39
C SER B 106 22.83 -10.62 9.49
N ASP B 107 22.31 -11.71 8.90
CA ASP B 107 21.05 -11.61 8.16
C ASP B 107 19.91 -11.07 9.02
N SER B 108 20.01 -11.25 10.34
CA SER B 108 18.97 -10.93 11.30
C SER B 108 18.89 -9.43 11.67
N GLY B 109 19.66 -8.54 11.04
CA GLY B 109 19.76 -7.18 11.51
C GLY B 109 20.71 -6.96 12.68
N ALA B 110 21.32 -8.03 13.19
CA ALA B 110 22.21 -7.91 14.32
C ALA B 110 23.63 -7.69 13.83
N VAL B 111 24.36 -6.90 14.61
CA VAL B 111 25.81 -6.94 14.63
C VAL B 111 26.20 -7.81 15.81
N GLU B 112 27.08 -8.78 15.57
CA GLU B 112 27.49 -9.69 16.62
C GLU B 112 29.00 -9.61 16.81
N LEU B 113 29.43 -9.71 18.07
CA LEU B 113 30.84 -9.85 18.40
C LEU B 113 31.04 -11.18 19.10
N TRP B 114 31.85 -12.03 18.49
CA TRP B 114 32.26 -13.29 19.09
C TRP B 114 33.72 -13.17 19.50
N GLU B 115 34.17 -14.02 20.43
CA GLU B 115 35.58 -14.03 20.83
C GLU B 115 36.09 -15.45 21.07
N LEU B 116 37.33 -15.69 20.65
CA LEU B 116 38.01 -16.93 20.93
C LEU B 116 38.33 -17.02 22.43
N ASP B 117 38.29 -18.23 22.97
CA ASP B 117 38.72 -18.37 24.36
C ASP B 117 40.25 -18.26 24.46
N GLU B 118 40.75 -18.22 25.71
CA GLU B 118 42.20 -18.23 25.90
C GLU B 118 42.85 -19.39 25.15
N ASN B 119 42.16 -20.53 25.10
CA ASN B 119 42.66 -21.73 24.42
C ASN B 119 42.49 -21.67 22.91
N GLU B 120 41.60 -20.82 22.41
CA GLU B 120 41.30 -20.71 20.98
C GLU B 120 40.71 -22.00 20.43
N THR B 121 39.97 -22.73 21.27
CA THR B 121 39.29 -23.95 20.87
C THR B 121 37.77 -23.81 20.86
N LEU B 122 37.24 -22.70 21.39
CA LEU B 122 35.82 -22.38 21.33
C LEU B 122 35.64 -20.97 20.82
N ILE B 123 34.65 -20.76 19.95
CA ILE B 123 34.20 -19.42 19.57
C ILE B 123 32.91 -19.14 20.33
N VAL B 124 32.92 -18.04 21.09
CA VAL B 124 31.91 -17.73 22.09
C VAL B 124 31.28 -16.40 21.72
N SER B 125 29.95 -16.33 21.75
CA SER B 125 29.29 -15.06 21.50
C SER B 125 29.56 -14.09 22.63
N LYS B 126 30.02 -12.89 22.26
CA LYS B 126 30.28 -11.82 23.22
C LYS B 126 29.09 -10.86 23.32
N PHE B 127 28.54 -10.42 22.20
CA PHE B 127 27.28 -9.69 22.23
C PHE B 127 26.59 -9.81 20.88
N CYS B 128 25.27 -9.65 20.90
CA CYS B 128 24.42 -9.77 19.71
C CYS B 128 23.33 -8.73 19.89
N LYS B 129 23.48 -7.58 19.23
CA LYS B 129 22.57 -6.44 19.39
C LYS B 129 21.79 -6.22 18.10
N TYR B 130 20.46 -6.18 18.21
CA TYR B 130 19.58 -6.05 17.04
C TYR B 130 19.24 -4.57 16.87
N GLU B 131 20.16 -3.86 16.22
CA GLU B 131 19.99 -2.42 16.02
C GLU B 131 19.59 -2.04 14.61
N HIS B 132 19.87 -2.86 13.62
CA HIS B 132 19.42 -2.56 12.27
C HIS B 132 18.03 -3.16 12.04
N ASP B 133 17.32 -2.61 11.07
CA ASP B 133 15.96 -3.06 10.79
C ASP B 133 15.87 -3.95 9.55
N ASP B 134 17.00 -4.35 9.00
CA ASP B 134 17.09 -5.24 7.86
C ASP B 134 18.45 -5.93 7.95
N ILE B 135 18.75 -6.79 6.96
CA ILE B 135 20.05 -7.45 6.89
C ILE B 135 21.18 -6.42 7.09
N VAL B 136 22.14 -6.78 7.94
CA VAL B 136 23.39 -6.01 8.06
C VAL B 136 24.34 -6.54 6.99
N SER B 137 24.69 -5.69 6.03
CA SER B 137 25.40 -6.18 4.87
C SER B 137 26.92 -6.01 4.93
N THR B 138 27.43 -5.07 5.72
CA THR B 138 28.84 -4.71 5.66
C THR B 138 29.27 -4.21 7.03
N VAL B 139 30.52 -4.51 7.39
CA VAL B 139 31.02 -4.15 8.72
C VAL B 139 32.52 -3.86 8.59
N SER B 140 33.00 -2.85 9.32
CA SER B 140 34.42 -2.45 9.22
C SER B 140 34.95 -1.84 10.52
N VAL B 141 36.07 -2.37 11.00
CA VAL B 141 36.66 -1.91 12.25
C VAL B 141 37.48 -0.65 11.99
N LEU B 142 37.25 0.38 12.80
CA LEU B 142 37.98 1.63 12.67
C LEU B 142 39.42 1.52 13.22
N SER B 143 40.23 2.55 12.94
CA SER B 143 41.66 2.58 13.29
C SER B 143 42.00 2.03 14.67
N SER B 144 41.40 2.62 15.71
CA SER B 144 41.74 2.30 17.10
C SER B 144 41.51 0.85 17.47
N GLY B 145 40.72 0.13 16.70
CA GLY B 145 40.38 -1.21 17.14
C GLY B 145 39.30 -1.27 18.20
N THR B 146 38.80 -0.11 18.66
CA THR B 146 37.74 -0.07 19.67
C THR B 146 36.36 0.32 19.14
N GLN B 147 36.24 0.67 17.86
CA GLN B 147 34.97 1.05 17.28
C GLN B 147 34.85 0.43 15.90
N ALA B 148 33.60 0.21 15.48
CA ALA B 148 33.31 -0.36 14.18
C ALA B 148 32.13 0.36 13.57
N VAL B 149 32.06 0.31 12.24
CA VAL B 149 30.92 0.83 11.51
C VAL B 149 30.27 -0.30 10.74
N SER B 150 28.95 -0.24 10.63
CA SER B 150 28.15 -1.23 9.94
C SER B 150 27.20 -0.50 9.00
N GLY B 151 26.92 -1.12 7.85
CA GLY B 151 25.93 -0.61 6.93
C GLY B 151 24.94 -1.72 6.63
N SER B 152 23.70 -1.33 6.29
CA SER B 152 22.60 -2.29 6.20
C SER B 152 21.67 -1.97 5.03
N LYS B 153 20.83 -2.95 4.69
CA LYS B 153 19.78 -2.70 3.69
C LYS B 153 18.72 -1.73 4.20
N ASP B 154 18.61 -1.55 5.51
CA ASP B 154 17.76 -0.51 6.09
C ASP B 154 18.28 0.91 5.79
N ILE B 155 19.37 1.06 5.03
CA ILE B 155 19.81 2.36 4.54
C ILE B 155 20.60 3.13 5.61
N CYS B 156 20.70 2.58 6.82
CA CYS B 156 21.43 3.26 7.89
C CYS B 156 22.87 2.79 7.94
N ILE B 157 23.71 3.63 8.52
CA ILE B 157 25.06 3.30 8.94
C ILE B 157 25.15 3.61 10.42
N LYS B 158 25.74 2.70 11.18
CA LYS B 158 25.86 2.90 12.61
C LYS B 158 27.31 2.80 13.06
N VAL B 159 27.69 3.65 14.02
CA VAL B 159 29.01 3.59 14.65
C VAL B 159 28.87 2.95 16.02
N TRP B 160 29.67 1.92 16.26
CA TRP B 160 29.57 1.10 17.46
C TRP B 160 30.74 1.32 18.40
N ASP B 161 30.44 1.40 19.70
CA ASP B 161 31.45 1.28 20.75
C ASP B 161 31.50 -0.18 21.17
N LEU B 162 32.58 -0.88 20.80
CA LEU B 162 32.64 -2.34 20.96
C LEU B 162 32.73 -2.76 22.43
N ALA B 163 33.40 -1.95 23.26
CA ALA B 163 33.50 -2.26 24.68
C ALA B 163 32.19 -2.00 25.42
N GLN B 164 31.50 -0.90 25.10
CA GLN B 164 30.21 -0.66 25.74
C GLN B 164 29.06 -1.41 25.06
N GLN B 165 29.29 -2.06 23.92
CA GLN B 165 28.26 -2.84 23.22
C GLN B 165 27.01 -2.01 22.92
N VAL B 166 27.23 -0.79 22.43
CA VAL B 166 26.15 0.16 22.18
C VAL B 166 26.44 0.90 20.87
N VAL B 167 25.37 1.38 20.25
CA VAL B 167 25.49 2.26 19.10
C VAL B 167 25.79 3.68 19.59
N LEU B 168 26.86 4.28 19.08
CA LEU B 168 27.15 5.67 19.42
C LEU B 168 26.44 6.65 18.50
N SER B 169 26.36 6.33 17.22
CA SER B 169 25.67 7.18 16.27
C SER B 169 24.98 6.33 15.22
N SER B 170 23.81 6.80 14.78
CA SER B 170 23.12 6.20 13.64
C SER B 170 22.89 7.30 12.60
N TYR B 171 23.28 7.01 11.36
CA TYR B 171 23.33 7.98 10.29
C TYR B 171 22.48 7.47 9.14
N ARG B 172 21.54 8.29 8.67
CA ARG B 172 20.72 7.98 7.51
C ARG B 172 21.10 8.96 6.41
N ALA B 173 22.32 8.82 5.91
CA ALA B 173 22.78 9.69 4.84
C ALA B 173 22.30 9.19 3.48
N HIS B 174 22.35 7.88 3.26
CA HIS B 174 21.99 7.31 1.97
C HIS B 174 20.48 7.23 1.81
N ALA B 175 20.06 6.91 0.58
CA ALA B 175 18.65 6.73 0.24
C ALA B 175 18.32 5.34 -0.26
N ALA B 176 19.28 4.41 -0.23
CA ALA B 176 19.07 3.03 -0.68
C ALA B 176 20.06 2.15 0.09
N GLN B 177 20.04 0.84 -0.19
CA GLN B 177 20.82 -0.09 0.62
C GLN B 177 22.27 0.36 0.66
N VAL B 178 22.91 0.14 1.80
CA VAL B 178 24.32 0.52 1.99
C VAL B 178 25.18 -0.68 1.65
N THR B 179 25.89 -0.62 0.51
CA THR B 179 26.57 -1.79 -0.05
C THR B 179 27.92 -2.05 0.62
N CYS B 180 28.62 -1.00 1.05
CA CYS B 180 29.96 -1.19 1.59
C CYS B 180 30.30 -0.05 2.54
N VAL B 181 31.00 -0.37 3.61
CA VAL B 181 31.65 0.63 4.46
C VAL B 181 33.08 0.17 4.72
N ALA B 182 34.03 1.10 4.68
CA ALA B 182 35.43 0.76 4.89
C ALA B 182 36.06 1.81 5.80
N ALA B 183 36.58 1.37 6.94
CA ALA B 183 37.25 2.26 7.88
C ALA B 183 38.56 2.74 7.29
N SER B 184 38.89 4.00 7.56
CA SER B 184 40.18 4.53 7.21
C SER B 184 41.27 3.69 7.88
N PRO B 185 42.37 3.41 7.17
CA PRO B 185 43.48 2.67 7.78
C PRO B 185 44.09 3.33 9.02
N HIS B 186 44.27 4.66 9.05
CA HIS B 186 44.91 5.29 10.22
C HIS B 186 44.16 6.45 10.84
N LYS B 187 43.02 6.84 10.30
CA LYS B 187 42.24 7.96 10.83
C LYS B 187 40.98 7.41 11.47
N ASP B 188 40.90 7.52 12.80
CA ASP B 188 39.87 6.80 13.55
C ASP B 188 38.47 7.38 13.35
N SER B 189 38.36 8.58 12.79
CA SER B 189 37.09 9.22 12.54
C SER B 189 36.73 9.25 11.06
N VAL B 190 37.48 8.55 10.21
CA VAL B 190 37.30 8.65 8.78
C VAL B 190 36.97 7.26 8.22
N PHE B 191 35.95 7.20 7.38
CA PHE B 191 35.62 5.96 6.72
C PHE B 191 34.83 6.30 5.47
N LEU B 192 34.75 5.33 4.56
CA LEU B 192 34.03 5.47 3.31
C LEU B 192 32.77 4.62 3.36
N SER B 193 31.78 4.98 2.55
CA SER B 193 30.61 4.14 2.32
C SER B 193 30.10 4.36 0.90
N CYS B 194 29.43 3.35 0.35
CA CYS B 194 28.76 3.51 -0.94
C CYS B 194 27.44 2.73 -0.92
N SER B 195 26.56 3.10 -1.82
CA SER B 195 25.17 2.72 -1.68
C SER B 195 24.54 2.62 -3.05
N GLU B 196 23.43 1.89 -3.12
CA GLU B 196 22.72 1.87 -4.39
C GLU B 196 22.05 3.21 -4.70
N ASP B 197 22.14 4.22 -3.82
CA ASP B 197 21.66 5.52 -4.24
C ASP B 197 22.69 6.23 -5.12
N ASN B 198 23.71 5.48 -5.53
CA ASN B 198 24.76 5.96 -6.41
C ASN B 198 25.69 6.98 -5.75
N ARG B 199 25.73 7.04 -4.42
CA ARG B 199 26.66 7.92 -3.72
C ARG B 199 27.87 7.14 -3.22
N ILE B 200 29.05 7.74 -3.36
CA ILE B 200 30.21 7.40 -2.54
C ILE B 200 30.39 8.53 -1.53
N LEU B 201 30.33 8.21 -0.25
CA LEU B 201 30.45 9.21 0.81
C LEU B 201 31.75 9.01 1.59
N LEU B 202 32.54 10.09 1.68
CA LEU B 202 33.66 10.20 2.62
C LEU B 202 33.16 10.78 3.93
N TRP B 203 33.38 10.05 5.02
CA TRP B 203 32.93 10.45 6.34
C TRP B 203 34.10 10.94 7.17
N ASP B 204 33.87 12.01 7.92
CA ASP B 204 34.77 12.49 8.95
C ASP B 204 33.88 12.96 10.10
N THR B 205 33.75 12.12 11.13
CA THR B 205 32.87 12.45 12.24
C THR B 205 33.34 13.63 13.09
N ARG B 206 34.57 14.17 12.87
CA ARG B 206 34.92 15.47 13.44
C ARG B 206 34.14 16.63 12.80
N CYS B 207 33.37 16.37 11.75
CA CYS B 207 32.69 17.48 11.09
C CYS B 207 31.21 17.51 11.47
N PRO B 208 30.71 18.74 11.70
CA PRO B 208 29.29 18.95 12.00
C PRO B 208 28.34 18.16 11.12
N LYS B 209 28.40 18.36 9.80
CA LYS B 209 27.82 17.41 8.86
C LYS B 209 28.90 16.41 8.45
N PRO B 210 28.88 15.15 8.94
CA PRO B 210 30.06 14.29 8.81
C PRO B 210 30.28 13.67 7.44
N ALA B 211 29.29 13.60 6.54
CA ALA B 211 29.46 12.95 5.25
C ALA B 211 29.75 13.97 4.16
N SER B 212 30.44 13.52 3.12
CA SER B 212 30.72 14.35 1.95
C SER B 212 30.59 13.48 0.70
N GLN B 213 29.98 14.03 -0.35
CA GLN B 213 29.78 13.28 -1.58
C GLN B 213 30.98 13.43 -2.51
N ILE B 214 31.62 12.29 -2.84
CA ILE B 214 32.77 12.24 -3.73
C ILE B 214 32.29 11.97 -5.15
N GLY B 215 32.68 12.83 -6.08
CA GLY B 215 32.25 12.69 -7.47
C GLY B 215 32.96 11.58 -8.21
N GLY B 220 27.07 7.76 -13.33
CA GLY B 220 27.81 6.52 -13.43
C GLY B 220 27.05 5.26 -13.00
N TYR B 221 27.71 4.10 -13.05
CA TYR B 221 27.10 2.86 -12.59
C TYR B 221 27.26 2.69 -11.08
N LEU B 222 26.31 1.99 -10.49
CA LEU B 222 26.25 1.90 -9.03
C LEU B 222 27.59 1.42 -8.45
N PRO B 223 28.09 2.06 -7.39
CA PRO B 223 29.34 1.58 -6.75
C PRO B 223 29.06 0.43 -5.80
N THR B 224 29.93 -0.58 -5.83
CA THR B 224 29.67 -1.80 -5.10
C THR B 224 30.77 -2.24 -4.14
N SER B 225 31.96 -1.64 -4.19
CA SER B 225 33.01 -2.10 -3.30
C SER B 225 34.06 -1.01 -3.14
N LEU B 226 34.71 -1.00 -1.97
CA LEU B 226 35.65 0.05 -1.59
C LEU B 226 36.91 -0.54 -0.98
N ALA B 227 38.06 0.06 -1.28
CA ALA B 227 39.32 -0.32 -0.64
C ALA B 227 40.20 0.92 -0.45
N TRP B 228 40.52 1.26 0.80
CA TRP B 228 41.53 2.32 1.00
C TRP B 228 42.91 1.87 0.52
N HIS B 229 43.67 2.82 0.02
CA HIS B 229 45.08 2.53 -0.23
C HIS B 229 45.80 2.42 1.11
N PRO B 230 46.61 1.38 1.32
CA PRO B 230 47.24 1.22 2.63
C PRO B 230 48.42 2.15 2.84
N GLN B 231 49.05 2.65 1.78
CA GLN B 231 50.23 3.51 1.89
C GLN B 231 49.96 4.98 1.54
N GLN B 232 48.78 5.34 1.05
CA GLN B 232 48.52 6.73 0.67
C GLN B 232 47.20 7.19 1.30
N SER B 233 47.32 8.12 2.25
CA SER B 233 46.21 8.51 3.11
C SER B 233 44.91 8.75 2.33
N GLU B 234 44.96 9.59 1.31
CA GLU B 234 43.77 10.16 0.68
C GLU B 234 43.41 9.46 -0.63
N VAL B 235 43.88 8.22 -0.84
CA VAL B 235 43.66 7.49 -2.09
C VAL B 235 42.84 6.23 -1.82
N PHE B 236 41.82 6.00 -2.63
CA PHE B 236 41.07 4.75 -2.52
C PHE B 236 40.70 4.24 -3.90
N VAL B 237 40.30 2.97 -3.95
CA VAL B 237 39.80 2.34 -5.17
C VAL B 237 38.37 1.94 -4.89
N PHE B 238 37.53 2.01 -5.90
CA PHE B 238 36.19 1.45 -5.78
C PHE B 238 35.80 0.70 -7.07
N GLY B 239 34.97 -0.33 -6.89
CA GLY B 239 34.46 -1.09 -8.01
C GLY B 239 32.98 -0.83 -8.25
N ASP B 240 32.46 -1.14 -9.43
CA ASP B 240 31.05 -0.86 -9.67
C ASP B 240 30.31 -2.13 -10.14
N GLU B 241 28.99 -1.97 -10.31
CA GLU B 241 28.13 -3.08 -10.71
C GLU B 241 28.35 -3.52 -12.15
N ASN B 242 29.08 -2.72 -12.93
CA ASN B 242 29.34 -3.02 -14.33
C ASN B 242 30.74 -3.60 -14.58
N GLY B 243 31.49 -3.95 -13.54
CA GLY B 243 32.77 -4.59 -13.69
C GLY B 243 33.98 -3.66 -13.72
N THR B 244 33.78 -2.36 -13.53
CA THR B 244 34.89 -1.42 -13.59
C THR B 244 35.50 -1.16 -12.21
N VAL B 245 36.82 -1.06 -12.17
CA VAL B 245 37.58 -0.67 -10.99
C VAL B 245 38.14 0.74 -11.23
N SER B 246 38.07 1.58 -10.21
CA SER B 246 38.51 2.97 -10.35
C SER B 246 39.41 3.40 -9.18
N LEU B 247 40.44 4.20 -9.51
CA LEU B 247 41.39 4.74 -8.55
C LEU B 247 41.08 6.22 -8.35
N VAL B 248 40.93 6.64 -7.09
CA VAL B 248 40.39 7.95 -6.79
C VAL B 248 41.23 8.62 -5.72
N ASP B 249 41.57 9.88 -5.97
CA ASP B 249 42.16 10.79 -4.99
C ASP B 249 41.05 11.60 -4.34
N THR B 250 41.29 12.04 -3.11
CA THR B 250 40.37 12.99 -2.48
C THR B 250 40.22 14.27 -3.31
N VAL B 256 41.08 10.84 -12.92
CA VAL B 256 40.68 9.54 -12.40
C VAL B 256 41.17 8.45 -13.34
N LEU B 257 41.50 7.29 -12.78
CA LEU B 257 42.03 6.14 -13.51
C LEU B 257 41.12 4.93 -13.34
N SER B 258 40.90 4.18 -14.42
CA SER B 258 39.92 3.11 -14.35
C SER B 258 40.19 2.06 -15.42
N SER B 259 39.76 0.82 -15.14
CA SER B 259 39.85 -0.26 -16.10
C SER B 259 38.64 -1.19 -15.99
N ALA B 260 38.17 -1.66 -17.13
CA ALA B 260 37.11 -2.68 -17.18
C ALA B 260 37.74 -4.03 -16.89
N VAL B 261 37.78 -4.39 -15.61
CA VAL B 261 38.41 -5.64 -15.15
C VAL B 261 37.48 -6.85 -15.23
N HIS B 262 36.18 -6.66 -15.00
CA HIS B 262 35.26 -7.76 -14.76
C HIS B 262 34.04 -7.58 -15.65
N SER B 263 33.36 -8.70 -15.92
CA SER B 263 32.15 -8.70 -16.75
C SER B 263 30.89 -8.64 -15.92
N GLN B 264 31.02 -8.57 -14.60
CA GLN B 264 29.91 -8.46 -13.68
C GLN B 264 30.37 -7.66 -12.47
N CYS B 265 29.41 -7.36 -11.61
CA CYS B 265 29.62 -6.70 -10.34
C CYS B 265 31.00 -6.97 -9.72
N VAL B 266 31.65 -5.93 -9.19
CA VAL B 266 32.91 -6.08 -8.45
C VAL B 266 32.55 -6.20 -6.97
N THR B 267 32.68 -7.39 -6.44
CA THR B 267 32.23 -7.75 -5.10
C THR B 267 33.20 -7.29 -4.00
N GLY B 268 34.49 -7.13 -4.31
CA GLY B 268 35.47 -6.85 -3.27
C GLY B 268 36.79 -6.41 -3.82
N LEU B 269 37.55 -5.71 -2.96
CA LEU B 269 38.86 -5.18 -3.32
C LEU B 269 39.77 -5.27 -2.12
N VAL B 270 40.93 -5.90 -2.33
CA VAL B 270 41.86 -6.17 -1.24
C VAL B 270 43.28 -5.86 -1.72
N PHE B 271 43.87 -4.77 -1.22
CA PHE B 271 45.29 -4.52 -1.44
C PHE B 271 46.12 -5.56 -0.68
N SER B 272 47.24 -5.96 -1.30
CA SER B 272 48.19 -6.88 -0.69
C SER B 272 49.06 -6.16 0.34
N PRO B 273 49.85 -6.90 1.12
CA PRO B 273 50.72 -6.28 2.14
C PRO B 273 52.06 -5.77 1.63
N HIS B 274 52.33 -5.81 0.34
CA HIS B 274 53.65 -5.41 -0.17
C HIS B 274 53.82 -3.90 -0.09
N SER B 275 55.10 -3.48 0.02
CA SER B 275 55.45 -2.06 0.05
C SER B 275 54.77 -1.32 -1.10
N VAL B 276 55.00 -1.77 -2.33
CA VAL B 276 54.19 -1.34 -3.46
C VAL B 276 53.08 -2.38 -3.65
N PRO B 277 51.86 -2.11 -3.21
CA PRO B 277 50.84 -3.17 -3.14
C PRO B 277 50.28 -3.55 -4.49
N PHE B 278 49.88 -4.82 -4.58
CA PHE B 278 48.98 -5.30 -5.63
C PHE B 278 47.55 -5.16 -5.15
N LEU B 279 46.62 -5.16 -6.09
CA LEU B 279 45.20 -4.99 -5.82
C LEU B 279 44.47 -6.22 -6.31
N ALA B 280 43.93 -7.02 -5.39
CA ALA B 280 43.06 -8.12 -5.77
C ALA B 280 41.63 -7.62 -5.95
N SER B 281 40.95 -8.09 -7.00
CA SER B 281 39.55 -7.75 -7.23
C SER B 281 38.77 -9.02 -7.54
N LEU B 282 37.53 -9.09 -7.04
CA LEU B 282 36.71 -10.29 -7.18
C LEU B 282 35.32 -9.90 -7.67
N SER B 283 34.64 -10.87 -8.29
CA SER B 283 33.45 -10.52 -9.03
C SER B 283 32.45 -11.68 -9.04
N GLU B 284 31.18 -11.33 -9.21
CA GLU B 284 30.17 -12.31 -9.53
C GLU B 284 30.46 -13.01 -10.84
N ASP B 285 31.42 -12.52 -11.63
CA ASP B 285 31.78 -13.25 -12.83
C ASP B 285 32.63 -14.49 -12.52
N CYS B 286 32.85 -14.78 -11.24
CA CYS B 286 33.55 -15.98 -10.76
C CYS B 286 35.06 -15.93 -10.97
N SER B 287 35.63 -14.78 -11.29
CA SER B 287 37.07 -14.66 -11.43
C SER B 287 37.67 -13.76 -10.35
N LEU B 288 38.94 -13.97 -10.11
CA LEU B 288 39.78 -13.08 -9.32
C LEU B 288 40.82 -12.48 -10.27
N ALA B 289 41.02 -11.18 -10.16
CA ALA B 289 42.07 -10.51 -10.90
C ALA B 289 43.07 -9.90 -9.91
N VAL B 290 44.34 -9.78 -10.31
CA VAL B 290 45.33 -9.03 -9.54
C VAL B 290 45.90 -7.92 -10.41
N LEU B 291 45.88 -6.70 -9.88
CA LEU B 291 46.16 -5.51 -10.66
C LEU B 291 47.33 -4.74 -10.04
N ASP B 292 48.02 -3.98 -10.87
CA ASP B 292 49.14 -3.23 -10.35
C ASP B 292 48.74 -1.77 -10.09
N SER B 293 49.77 -0.93 -9.90
CA SER B 293 49.60 0.46 -9.51
C SER B 293 48.69 1.21 -10.47
N SER B 294 48.71 0.86 -11.75
CA SER B 294 47.94 1.55 -12.77
C SER B 294 46.69 0.77 -13.16
N LEU B 295 46.28 -0.20 -12.35
CA LEU B 295 45.09 -1.03 -12.58
C LEU B 295 45.25 -2.00 -13.73
N SER B 296 46.49 -2.26 -14.15
CA SER B 296 46.77 -3.25 -15.18
C SER B 296 46.82 -4.65 -14.58
N GLU B 297 46.36 -5.62 -15.35
CA GLU B 297 46.18 -6.99 -14.88
C GLU B 297 47.50 -7.74 -14.93
N LEU B 298 47.91 -8.30 -13.78
CA LEU B 298 49.07 -9.17 -13.68
C LEU B 298 48.70 -10.65 -13.48
N PHE B 299 47.50 -10.93 -12.99
CA PHE B 299 47.12 -12.30 -12.71
C PHE B 299 45.61 -12.41 -12.83
N ARG B 300 45.15 -13.60 -13.21
CA ARG B 300 43.74 -13.91 -13.35
C ARG B 300 43.55 -15.36 -12.95
N SER B 301 42.54 -15.60 -12.13
CA SER B 301 42.21 -16.98 -11.77
C SER B 301 40.74 -17.24 -12.06
N GLN B 302 40.48 -18.41 -12.64
CA GLN B 302 39.12 -18.86 -12.84
C GLN B 302 38.84 -20.17 -12.12
N ALA B 303 39.60 -20.43 -11.05
CA ALA B 303 39.43 -21.66 -10.30
C ALA B 303 38.01 -21.83 -9.81
N HIS B 304 37.36 -20.72 -9.45
CA HIS B 304 36.04 -20.80 -8.87
C HIS B 304 34.98 -21.07 -9.94
N ARG B 305 33.96 -21.82 -9.53
CA ARG B 305 32.83 -22.17 -10.38
C ARG B 305 31.55 -21.46 -9.97
N ASP B 306 31.61 -20.62 -8.95
CA ASP B 306 30.50 -19.77 -8.55
C ASP B 306 31.11 -18.44 -8.08
N PHE B 307 30.24 -17.53 -7.60
CA PHE B 307 30.67 -16.20 -7.16
C PHE B 307 31.86 -16.27 -6.21
N VAL B 308 32.83 -15.38 -6.43
CA VAL B 308 33.98 -15.22 -5.53
C VAL B 308 33.63 -14.16 -4.49
N ARG B 309 33.70 -14.52 -3.21
CA ARG B 309 33.10 -13.71 -2.15
C ARG B 309 34.09 -12.98 -1.26
N ASP B 310 35.32 -13.48 -1.11
CA ASP B 310 36.36 -12.78 -0.35
C ASP B 310 37.73 -13.14 -0.89
N ALA B 311 38.72 -12.33 -0.53
CA ALA B 311 40.12 -12.63 -0.81
C ALA B 311 40.92 -12.05 0.34
N THR B 312 41.97 -12.78 0.78
CA THR B 312 42.75 -12.34 1.90
C THR B 312 44.21 -12.77 1.68
N TRP B 313 45.13 -11.83 1.88
CA TRP B 313 46.56 -12.10 1.63
C TRP B 313 47.23 -12.68 2.86
N SER B 314 48.01 -13.75 2.67
CA SER B 314 48.79 -14.31 3.76
C SER B 314 49.71 -13.25 4.37
N PRO B 315 49.78 -13.15 5.70
CA PRO B 315 50.85 -12.33 6.29
C PRO B 315 52.21 -13.00 6.14
N LEU B 316 52.27 -14.33 6.21
CA LEU B 316 53.55 -15.06 6.18
C LEU B 316 54.17 -15.08 4.79
N ASN B 317 53.43 -15.58 3.80
CA ASN B 317 53.91 -15.62 2.41
C ASN B 317 53.12 -14.57 1.61
N HIS B 318 53.80 -13.45 1.28
CA HIS B 318 53.10 -12.33 0.68
C HIS B 318 52.64 -12.60 -0.75
N SER B 319 53.17 -13.62 -1.43
CA SER B 319 52.67 -13.88 -2.77
C SER B 319 51.51 -14.87 -2.79
N LEU B 320 51.12 -15.43 -1.64
CA LEU B 320 49.98 -16.32 -1.58
C LEU B 320 48.73 -15.51 -1.25
N LEU B 321 47.65 -15.75 -2.01
CA LEU B 321 46.38 -15.04 -1.90
C LEU B 321 45.26 -16.08 -1.88
N THR B 322 44.43 -16.03 -0.85
CA THR B 322 43.41 -17.05 -0.63
C THR B 322 42.04 -16.47 -0.95
N THR B 323 41.24 -17.22 -1.74
CA THR B 323 39.87 -16.82 -2.06
C THR B 323 38.89 -17.88 -1.59
N VAL B 324 37.64 -17.46 -1.45
CA VAL B 324 36.54 -18.36 -1.17
C VAL B 324 35.32 -17.88 -1.94
N GLY B 325 34.44 -18.83 -2.25
CA GLY B 325 33.29 -18.51 -3.08
C GLY B 325 32.13 -19.42 -2.76
N TRP B 326 31.02 -19.15 -3.38
CA TRP B 326 29.83 -19.96 -3.11
C TRP B 326 29.92 -21.36 -3.68
N ASP B 327 31.00 -21.73 -4.35
CA ASP B 327 31.19 -23.11 -4.76
C ASP B 327 31.87 -23.94 -3.69
N HIS B 328 31.97 -23.42 -2.47
CA HIS B 328 32.59 -24.07 -1.31
C HIS B 328 34.08 -24.33 -1.50
N GLN B 329 34.74 -23.66 -2.45
CA GLN B 329 36.19 -23.77 -2.59
C GLN B 329 36.91 -22.73 -1.74
N VAL B 330 38.02 -23.17 -1.16
CA VAL B 330 39.05 -22.31 -0.62
C VAL B 330 40.25 -22.50 -1.53
N VAL B 331 40.59 -21.50 -2.34
CA VAL B 331 41.67 -21.63 -3.31
C VAL B 331 42.85 -20.78 -2.84
N HIS B 332 44.05 -21.35 -2.94
CA HIS B 332 45.30 -20.69 -2.54
C HIS B 332 46.08 -20.36 -3.81
N HIS B 333 45.98 -19.11 -4.24
CA HIS B 333 46.68 -18.65 -5.43
C HIS B 333 48.09 -18.22 -5.06
N VAL B 334 49.05 -18.55 -5.91
CA VAL B 334 50.39 -18.00 -5.83
C VAL B 334 50.50 -16.95 -6.92
N VAL B 335 50.61 -15.69 -6.49
CA VAL B 335 50.58 -14.55 -7.39
C VAL B 335 52.01 -14.25 -7.83
N PRO B 336 52.30 -14.18 -9.13
CA PRO B 336 53.67 -13.86 -9.56
C PRO B 336 53.99 -12.39 -9.29
N THR B 337 55.15 -12.15 -8.67
CA THR B 337 55.51 -10.79 -8.28
C THR B 337 56.70 -10.22 -9.10
CS MTA C . -41.36 4.35 -1.94
S5' MTA C . -40.89 3.84 -3.64
C5' MTA C . -42.11 4.61 -4.75
C4' MTA C . -43.46 3.88 -4.46
O4' MTA C . -44.52 4.46 -5.24
C2' MTA C . -44.04 2.64 -6.42
O2' MTA C . -44.61 1.36 -6.93
C3' MTA C . -43.48 2.40 -4.96
O3' MTA C . -44.32 1.62 -4.27
C1' MTA C . -44.95 3.56 -6.28
N9 MTA C . -45.19 4.32 -7.49
C8 MTA C . -44.24 4.88 -8.34
N7 MTA C . -44.81 5.49 -9.34
C5 MTA C . -46.12 5.38 -9.22
C6 MTA C . -47.18 5.84 -10.00
N6 MTA C . -46.98 6.60 -11.18
N1 MTA C . -48.44 5.56 -9.64
C2 MTA C . -48.66 4.84 -8.52
N3 MTA C . -47.65 4.39 -7.73
C4 MTA C . -46.38 4.63 -8.07
N1 85E D . -31.40 1.57 -4.53
N12 85E D . -31.79 2.49 -5.43
C13 85E D . -30.70 -2.29 0.51
C15 85E D . -29.08 -0.82 1.54
C17 85E D . -30.38 -0.04 -0.37
N 85E D . -29.49 3.23 -1.22
C 85E D . -32.28 -0.50 -2.31
O 85E D . -36.31 4.96 1.66
C1 85E D . -31.99 -1.51 -1.43
F 85E D . -33.22 -0.75 -3.29
C12 85E D . -31.03 -1.29 -0.43
C14 85E D . -29.75 -2.06 1.48
C16 85E D . -29.40 0.17 0.64
C18 85E D . -30.68 0.97 -1.32
C19 85E D . -30.01 2.23 -1.25
C1A 85E D . -31.63 0.77 -2.29
C1B 85E D . -31.97 1.72 -3.31
C1C 85E D . -30.47 0.52 -4.90
C1D 85E D . -32.63 3.25 -4.77
C1E 85E D . -32.77 2.84 -3.42
C1F 85E D . -33.67 3.42 -2.40
C1G 85E D . -33.41 3.32 -1.03
C1H 85E D . -34.29 3.84 -0.09
C1I 85E D . -34.86 4.02 -2.81
C1K 85E D . -37.06 5.17 -2.29
C1L 85E D . -35.80 4.54 -1.89
C1M 85E D . -37.44 5.30 -3.77
C1N 85E D . -35.48 4.45 -0.52
C1O 85E D . -36.43 4.98 0.44
N13 85E D . -38.56 6.23 -3.96
N14 85E D . -37.88 5.64 -1.40
N15 85E D . -37.57 5.57 -0.05
H1 85E D . -31.19 -3.26 0.46
H123 85E D . -28.33 -0.65 2.30
H 85E D . -32.51 -2.46 -1.51
H12 85E D . -29.52 -2.83 2.21
H124 85E D . -28.89 1.12 0.68
H3 85E D . -29.96 0.79 -5.81
H11 85E D . -31.02 -0.41 -5.06
H2 85E D . -29.75 0.37 -4.11
H125 85E D . -33.16 4.10 -5.16
H126 85E D . -32.50 2.83 -0.68
H127 85E D . -34.08 3.77 0.96
H128 85E D . -35.11 4.08 -3.86
H112 85E D . -37.73 4.33 -4.16
H21 85E D . -36.58 5.67 -4.33
H212 85E D . -39.36 5.89 -3.47
H31 85E D . -38.78 6.30 -4.94
H113 85E D . -38.30 7.13 -3.62
H129 85E D . -38.19 5.96 0.63
#